data_1KZO
#
_entry.id   1KZO
#
_cell.length_a   171.199
_cell.length_b   171.199
_cell.length_c   69.444
_cell.angle_alpha   90.00
_cell.angle_beta   90.00
_cell.angle_gamma   120.00
#
_symmetry.space_group_name_H-M   'P 61'
#
loop_
_entity.id
_entity.type
_entity.pdbx_description
1 polymer 'Protein Farnesyltransferase alpha subunit'
2 polymer 'Protein Farnesyltransferase beta subunit'
3 polymer 'Farnesylated K-Ras4B peptide product'
4 non-polymer 'ZINC ION'
5 non-polymer 'FARNESYL DIPHOSPHATE'
6 non-polymer 'ACETIC ACID'
7 non-polymer FARNESYL
8 water water
#
loop_
_entity_poly.entity_id
_entity_poly.type
_entity_poly.pdbx_seq_one_letter_code
_entity_poly.pdbx_strand_id
1 'polypeptide(L)'
;MAATEGVGESAPGGEPGQPEQPPPPPPPPPAQQPQEEEMAAEAGEAAASPMDDGFLSLDSPTYVLYRDRAEWADIDPVPQ
NDGPSPVVQIIYSEKFRDVYDYFRAVLQRDERSERAFKLTRDAIELNAANYTVWHFRRVLLRSLQKDLQEEMNYIIAIIE
EQPKNYQVWHHRRVLVEWLKDPSQELEFIADILNQDAKNYHAWQHRQWVIQEFRLWDNELQYVDQLLKEDVRNNSVWNQR
HFVISNTTGYSDRAVLEREVQYTLEMIKLVPHNESAWNYLKGILQDRGLSRYPNLLNQLLDLQPSHSSPYLIAFLVDIYE
DMLENQCDNKEDILNKALELCEILAKEKDTIRKEYWRYIGRSLQSKHSRESDIPASV
;
A
2 'polypeptide(L)'
;MASSSSFTYYCPPSSSPVWSEPLYSLRPEHARERLQDDSVETVTSIEQAKVEEKIQEVFSSYKFNHLVPRLVLQREKHFH
YLKRGLRQLTDAYECLDASRPWLCYWILHSLELLDEPIPQIVATDVCQFLELCQSPDGGFGGGPGQYPHLAPTYAAVNAL
CIIGTEEAYNVINREKLLQYLYSLKQPDGSFLMHVGGEVDVRSAYCAASVASLTNIITPDLFEGTAEWIARCQNWEGGIG
GVPGMEAHGGYTFCGLAALVILKKERSLNLKSLLQWVTSRQMRFEGGFQGRCNKLVDGCYSFWQAGLLPLLHRALHAQGD
PALSMSHWMFHQQALQEYILMCCQCPAGGLLDKPGKSRDFYHTCYCLSGLSIAQHFGSGAMLHDVVMGVPENVLQPTHPV
YNIGPDKVIQATTHFLQKPVPGFEECEDAVTSDPATD
;
B
3 'polypeptide(L)' KKKSKTKCVIM C
#
loop_
_chem_comp.id
_chem_comp.type
_chem_comp.name
_chem_comp.formula
ACY non-polymer 'ACETIC ACID' 'C2 H4 O2'
FAR non-polymer FARNESYL 'C15 H26'
FPP non-polymer 'FARNESYL DIPHOSPHATE' 'C15 H28 O7 P2'
ZN non-polymer 'ZINC ION' 'Zn 2'
#
# COMPACT_ATOMS: atom_id res chain seq x y z
N PHE A 55 -10.89 15.92 32.64
CA PHE A 55 -10.55 15.58 34.04
C PHE A 55 -9.10 15.10 34.19
N LEU A 56 -8.90 13.81 34.47
CA LEU A 56 -7.56 13.29 34.70
C LEU A 56 -6.83 12.71 33.49
N SER A 57 -5.94 13.50 32.91
CA SER A 57 -5.16 13.07 31.75
C SER A 57 -4.37 11.81 32.01
N LEU A 58 -4.21 11.04 30.95
CA LEU A 58 -3.49 9.78 30.98
C LEU A 58 -2.02 9.99 31.32
N ASP A 59 -1.53 11.20 31.10
CA ASP A 59 -0.14 11.52 31.39
C ASP A 59 0.08 12.39 32.63
N SER A 60 -1.01 12.70 33.33
CA SER A 60 -0.95 13.51 34.54
C SER A 60 -0.07 12.80 35.58
N PRO A 61 0.79 13.53 36.29
CA PRO A 61 1.64 12.90 37.30
C PRO A 61 0.81 12.25 38.40
N THR A 62 -0.41 12.79 38.61
CA THR A 62 -1.34 12.29 39.64
C THR A 62 -2.38 11.33 39.07
N TYR A 63 -2.14 10.84 37.85
CA TYR A 63 -3.05 9.90 37.22
C TYR A 63 -3.11 8.68 38.12
N VAL A 64 -4.32 8.16 38.32
CA VAL A 64 -4.56 7.01 39.18
C VAL A 64 -5.23 5.88 38.39
N LEU A 65 -4.86 4.63 38.63
CA LEU A 65 -5.51 3.52 37.94
C LEU A 65 -7.01 3.50 38.26
N TYR A 66 -7.82 3.03 37.31
CA TYR A 66 -9.27 2.94 37.52
C TYR A 66 -9.65 2.02 38.69
N ARG A 67 -8.87 0.96 38.91
CA ARG A 67 -9.17 0.05 40.01
C ARG A 67 -8.90 0.70 41.36
N ASP A 68 -8.37 1.92 41.34
CA ASP A 68 -8.08 2.64 42.58
C ASP A 68 -8.96 3.86 42.68
N ARG A 69 -9.97 3.96 41.82
CA ARG A 69 -10.89 5.09 41.83
C ARG A 69 -12.22 4.71 42.50
N ALA A 70 -12.63 5.53 43.48
CA ALA A 70 -13.84 5.29 44.25
C ALA A 70 -15.07 5.31 43.36
N GLU A 71 -15.15 6.30 42.48
CA GLU A 71 -16.30 6.42 41.58
C GLU A 71 -16.46 5.26 40.58
N TRP A 72 -15.57 4.27 40.64
CA TRP A 72 -15.63 3.11 39.76
C TRP A 72 -15.69 1.86 40.59
N ALA A 73 -15.93 2.02 41.88
CA ALA A 73 -15.96 0.89 42.81
C ALA A 73 -17.08 -0.13 42.60
N ASP A 74 -18.19 0.30 41.99
CA ASP A 74 -19.33 -0.58 41.74
C ASP A 74 -19.14 -1.58 40.60
N ILE A 75 -18.34 -1.18 39.63
CA ILE A 75 -18.03 -1.98 38.43
C ILE A 75 -16.94 -3.04 38.61
N ASP A 76 -17.17 -4.21 38.05
CA ASP A 76 -16.16 -5.28 38.07
C ASP A 76 -15.47 -5.27 36.71
N PRO A 77 -14.17 -4.96 36.67
CA PRO A 77 -13.47 -4.94 35.40
C PRO A 77 -13.51 -6.32 34.77
N VAL A 78 -13.56 -6.36 33.44
CA VAL A 78 -13.63 -7.63 32.70
C VAL A 78 -12.30 -7.89 32.02
N PRO A 79 -11.53 -8.88 32.54
CA PRO A 79 -10.24 -9.21 31.95
C PRO A 79 -10.40 -9.77 30.54
N GLN A 80 -9.35 -9.65 29.75
CA GLN A 80 -9.41 -10.13 28.40
C GLN A 80 -9.46 -11.64 28.25
N ASN A 81 -10.37 -12.08 27.40
CA ASN A 81 -10.59 -13.50 27.13
C ASN A 81 -9.60 -14.03 26.09
N ASP A 82 -8.36 -14.28 26.49
CA ASP A 82 -7.35 -14.78 25.56
C ASP A 82 -7.29 -16.30 25.38
N GLY A 83 -8.00 -17.04 26.23
CA GLY A 83 -7.99 -18.48 26.13
C GLY A 83 -6.96 -19.08 27.06
N PRO A 84 -7.01 -20.40 27.29
CA PRO A 84 -6.09 -21.13 28.16
C PRO A 84 -4.61 -21.09 27.79
N SER A 85 -4.30 -21.05 26.48
CA SER A 85 -2.90 -20.98 26.03
C SER A 85 -2.80 -19.99 24.86
N PRO A 86 -2.62 -18.71 25.19
CA PRO A 86 -2.51 -17.58 24.26
C PRO A 86 -1.44 -17.62 23.17
N VAL A 87 -1.77 -16.99 22.05
CA VAL A 87 -0.86 -16.81 20.93
C VAL A 87 -0.84 -15.29 20.76
N VAL A 88 0.28 -14.76 20.28
CA VAL A 88 0.46 -13.32 20.08
C VAL A 88 -0.05 -12.49 21.26
N GLN A 89 0.20 -13.00 22.45
CA GLN A 89 -0.22 -12.33 23.67
C GLN A 89 0.67 -11.16 23.99
N ILE A 90 0.08 -9.98 24.10
CA ILE A 90 0.80 -8.77 24.39
C ILE A 90 0.94 -8.57 25.89
N ILE A 91 2.15 -8.33 26.35
CA ILE A 91 2.39 -8.10 27.77
C ILE A 91 2.13 -6.61 28.01
N TYR A 92 0.85 -6.28 28.14
CA TYR A 92 0.45 -4.90 28.36
C TYR A 92 1.00 -4.31 29.63
N SER A 93 1.18 -3.00 29.62
CA SER A 93 1.63 -2.31 30.81
C SER A 93 0.42 -2.32 31.72
N GLU A 94 0.63 -1.95 32.98
CA GLU A 94 -0.45 -1.93 33.95
C GLU A 94 -1.53 -0.91 33.59
N LYS A 95 -1.12 0.27 33.15
CA LYS A 95 -2.07 1.33 32.78
C LYS A 95 -3.00 0.87 31.67
N PHE A 96 -2.40 0.32 30.62
CA PHE A 96 -3.13 -0.15 29.46
C PHE A 96 -4.17 -1.19 29.84
N ARG A 97 -3.71 -2.24 30.50
CA ARG A 97 -4.57 -3.34 30.92
C ARG A 97 -5.67 -2.88 31.85
N ASP A 98 -5.35 -1.95 32.74
CA ASP A 98 -6.33 -1.43 33.68
C ASP A 98 -7.46 -0.69 32.94
N VAL A 99 -7.10 0.22 32.04
CA VAL A 99 -8.10 0.96 31.27
C VAL A 99 -8.98 0.02 30.43
N TYR A 100 -8.35 -0.87 29.68
CA TYR A 100 -9.10 -1.77 28.84
C TYR A 100 -9.99 -2.76 29.56
N ASP A 101 -9.60 -3.16 30.76
CA ASP A 101 -10.43 -4.07 31.57
C ASP A 101 -11.70 -3.34 31.95
N TYR A 102 -11.57 -2.04 32.24
CA TYR A 102 -12.75 -1.26 32.60
C TYR A 102 -13.56 -0.98 31.35
N PHE A 103 -12.88 -0.80 30.21
CA PHE A 103 -13.58 -0.56 28.96
C PHE A 103 -14.42 -1.79 28.62
N ARG A 104 -13.81 -2.97 28.77
CA ARG A 104 -14.52 -4.23 28.52
C ARG A 104 -15.77 -4.29 29.38
N ALA A 105 -15.64 -3.84 30.62
CA ALA A 105 -16.77 -3.86 31.54
C ALA A 105 -17.91 -2.97 31.07
N VAL A 106 -17.63 -1.70 30.77
CA VAL A 106 -18.69 -0.79 30.32
C VAL A 106 -19.28 -1.19 28.99
N LEU A 107 -18.45 -1.69 28.08
CA LEU A 107 -18.92 -2.09 26.75
C LEU A 107 -19.85 -3.27 26.91
N GLN A 108 -19.42 -4.25 27.69
CA GLN A 108 -20.19 -5.46 27.93
C GLN A 108 -21.56 -5.18 28.52
N ARG A 109 -21.64 -4.23 29.44
CA ARG A 109 -22.94 -3.94 30.02
C ARG A 109 -23.65 -2.80 29.31
N ASP A 110 -23.03 -2.30 28.24
CA ASP A 110 -23.57 -1.19 27.46
C ASP A 110 -23.94 0.01 28.35
N GLU A 111 -23.03 0.39 29.24
CA GLU A 111 -23.27 1.51 30.13
C GLU A 111 -23.03 2.81 29.40
N ARG A 112 -24.11 3.47 29.01
CA ARG A 112 -24.00 4.72 28.29
C ARG A 112 -24.01 5.87 29.30
N SER A 113 -22.86 6.06 29.95
CA SER A 113 -22.71 7.08 30.97
C SER A 113 -21.59 8.06 30.72
N GLU A 114 -21.62 9.15 31.47
CA GLU A 114 -20.60 10.17 31.37
C GLU A 114 -19.21 9.60 31.71
N ARG A 115 -19.12 8.75 32.74
CA ARG A 115 -17.85 8.18 33.10
C ARG A 115 -17.34 7.24 32.00
N ALA A 116 -18.25 6.50 31.37
CA ALA A 116 -17.86 5.60 30.30
C ALA A 116 -17.29 6.46 29.17
N PHE A 117 -17.93 7.59 28.93
CA PHE A 117 -17.48 8.51 27.89
C PHE A 117 -16.07 8.97 28.16
N LYS A 118 -15.83 9.41 29.39
CA LYS A 118 -14.50 9.85 29.75
C LYS A 118 -13.48 8.71 29.64
N LEU A 119 -13.89 7.50 29.97
CA LEU A 119 -13.00 6.35 29.89
C LEU A 119 -12.52 6.09 28.45
N THR A 120 -13.40 6.29 27.47
CA THR A 120 -13.05 6.06 26.06
C THR A 120 -11.92 6.99 25.61
N ARG A 121 -11.83 8.19 26.17
CA ARG A 121 -10.77 9.10 25.79
C ARG A 121 -9.43 8.44 26.16
N ASP A 122 -9.36 7.82 27.34
CA ASP A 122 -8.14 7.17 27.81
C ASP A 122 -7.82 5.91 27.02
N ALA A 123 -8.85 5.15 26.67
CA ALA A 123 -8.70 3.93 25.89
C ALA A 123 -8.16 4.29 24.50
N ILE A 124 -8.60 5.45 24.00
CA ILE A 124 -8.18 5.92 22.68
C ILE A 124 -6.75 6.42 22.73
N GLU A 125 -6.40 7.14 23.78
CA GLU A 125 -5.04 7.62 23.87
C GLU A 125 -4.10 6.42 23.96
N LEU A 126 -4.48 5.38 24.69
CA LEU A 126 -3.64 4.19 24.78
C LEU A 126 -3.51 3.44 23.44
N ASN A 127 -4.58 3.43 22.65
CA ASN A 127 -4.53 2.79 21.34
C ASN A 127 -5.59 3.38 20.43
N ALA A 128 -5.24 4.52 19.82
CA ALA A 128 -6.10 5.25 18.91
C ALA A 128 -6.56 4.42 17.73
N ALA A 129 -5.92 3.27 17.49
CA ALA A 129 -6.31 2.39 16.38
C ALA A 129 -7.42 1.42 16.76
N ASN A 130 -7.82 1.42 18.02
CA ASN A 130 -8.89 0.52 18.45
C ASN A 130 -10.24 1.04 17.94
N TYR A 131 -10.67 0.58 16.78
CA TYR A 131 -11.94 1.02 16.20
C TYR A 131 -13.18 0.72 17.05
N THR A 132 -13.14 -0.36 17.84
CA THR A 132 -14.27 -0.73 18.71
C THR A 132 -14.53 0.37 19.73
N VAL A 133 -13.45 0.96 20.26
CA VAL A 133 -13.57 2.05 21.21
C VAL A 133 -14.18 3.28 20.52
N TRP A 134 -13.74 3.58 19.30
CA TRP A 134 -14.29 4.72 18.57
C TRP A 134 -15.78 4.58 18.31
N HIS A 135 -16.22 3.35 18.06
CA HIS A 135 -17.63 3.09 17.80
C HIS A 135 -18.46 3.34 19.05
N PHE A 136 -17.99 2.80 20.18
CA PHE A 136 -18.68 2.98 21.43
C PHE A 136 -18.71 4.47 21.79
N ARG A 137 -17.64 5.19 21.48
CA ARG A 137 -17.61 6.61 21.78
C ARG A 137 -18.64 7.36 20.94
N ARG A 138 -18.85 6.91 19.71
CA ARG A 138 -19.82 7.56 18.86
C ARG A 138 -21.22 7.24 19.36
N VAL A 139 -21.41 6.05 19.92
CA VAL A 139 -22.71 5.68 20.50
C VAL A 139 -22.97 6.64 21.67
N LEU A 140 -21.96 6.81 22.53
CA LEU A 140 -22.06 7.69 23.70
C LEU A 140 -22.31 9.14 23.32
N LEU A 141 -21.71 9.60 22.23
CA LEU A 141 -21.90 10.98 21.79
C LEU A 141 -23.39 11.21 21.50
N ARG A 142 -24.03 10.31 20.77
CA ARG A 142 -25.45 10.44 20.46
C ARG A 142 -26.35 10.23 21.69
N SER A 143 -26.16 9.14 22.43
CA SER A 143 -26.97 8.87 23.63
C SER A 143 -26.92 9.95 24.70
N LEU A 144 -25.72 10.42 25.02
CA LEU A 144 -25.56 11.43 26.04
C LEU A 144 -25.80 12.84 25.53
N GLN A 145 -26.12 12.96 24.25
CA GLN A 145 -26.36 14.28 23.67
C GLN A 145 -25.19 15.22 23.93
N LYS A 146 -23.98 14.74 23.63
CA LYS A 146 -22.77 15.55 23.84
C LYS A 146 -22.61 16.67 22.82
N ASP A 147 -22.03 17.79 23.26
CA ASP A 147 -21.82 18.93 22.39
C ASP A 147 -20.79 18.52 21.34
N LEU A 148 -21.17 18.55 20.07
CA LEU A 148 -20.26 18.17 18.99
C LEU A 148 -19.14 19.15 18.68
N GLN A 149 -19.29 20.42 19.03
CA GLN A 149 -18.19 21.36 18.78
C GLN A 149 -17.09 21.08 19.79
N GLU A 150 -17.49 20.63 20.97
CA GLU A 150 -16.52 20.31 22.00
C GLU A 150 -15.79 19.08 21.48
N GLU A 151 -16.55 18.14 20.92
CA GLU A 151 -15.99 16.91 20.38
C GLU A 151 -15.07 17.22 19.19
N MET A 152 -15.44 18.23 18.39
CA MET A 152 -14.60 18.63 17.28
C MET A 152 -13.29 19.14 17.86
N ASN A 153 -13.34 19.88 18.96
CA ASN A 153 -12.11 20.37 19.59
C ASN A 153 -11.22 19.21 19.99
N TYR A 154 -11.84 18.19 20.57
CA TYR A 154 -11.11 17.02 20.98
C TYR A 154 -10.45 16.32 19.77
N ILE A 155 -11.23 16.02 18.74
CA ILE A 155 -10.67 15.32 17.58
C ILE A 155 -9.55 16.09 16.91
N ILE A 156 -9.61 17.42 16.90
CA ILE A 156 -8.52 18.14 16.27
C ILE A 156 -7.22 17.99 17.06
N ALA A 157 -7.32 17.86 18.38
CA ALA A 157 -6.14 17.70 19.21
C ALA A 157 -5.54 16.33 18.96
N ILE A 158 -6.38 15.29 18.95
CA ILE A 158 -5.93 13.92 18.72
C ILE A 158 -5.25 13.73 17.36
N ILE A 159 -5.86 14.27 16.32
CA ILE A 159 -5.32 14.17 15.00
C ILE A 159 -3.98 14.91 14.97
N GLU A 160 -3.89 16.07 15.62
CA GLU A 160 -2.64 16.82 15.63
C GLU A 160 -1.50 15.93 16.16
N GLU A 161 -1.77 15.13 17.18
CA GLU A 161 -0.73 14.28 17.73
C GLU A 161 -0.52 12.94 17.05
N GLN A 162 -1.53 12.41 16.37
CA GLN A 162 -1.42 11.11 15.67
C GLN A 162 -2.10 11.24 14.33
N PRO A 163 -1.54 12.03 13.43
CA PRO A 163 -2.14 12.23 12.10
C PRO A 163 -2.15 11.10 11.08
N LYS A 164 -1.44 10.00 11.33
CA LYS A 164 -1.41 8.87 10.39
C LYS A 164 -2.24 7.71 10.91
N ASN A 165 -3.45 8.01 11.33
CA ASN A 165 -4.36 7.03 11.88
C ASN A 165 -5.69 7.14 11.12
N TYR A 166 -6.25 5.99 10.75
CA TYR A 166 -7.50 5.94 10.03
C TYR A 166 -8.73 6.38 10.85
N GLN A 167 -8.81 5.88 12.08
CA GLN A 167 -9.97 6.16 12.92
C GLN A 167 -10.19 7.61 13.27
N VAL A 168 -9.12 8.38 13.46
CA VAL A 168 -9.28 9.78 13.82
C VAL A 168 -9.87 10.62 12.69
N TRP A 169 -9.44 10.35 11.47
CA TRP A 169 -9.97 11.09 10.34
C TRP A 169 -11.41 10.68 10.06
N HIS A 170 -11.70 9.39 10.23
CA HIS A 170 -13.06 8.96 9.99
C HIS A 170 -14.01 9.61 11.00
N HIS A 171 -13.57 9.67 12.26
CA HIS A 171 -14.37 10.27 13.31
C HIS A 171 -14.66 11.74 13.01
N ARG A 172 -13.65 12.46 12.57
CA ARG A 172 -13.80 13.88 12.24
C ARG A 172 -14.79 14.05 11.11
N ARG A 173 -14.74 13.13 10.15
CA ARG A 173 -15.64 13.14 9.01
C ARG A 173 -17.07 12.98 9.53
N VAL A 174 -17.28 12.00 10.42
CA VAL A 174 -18.60 11.77 10.99
C VAL A 174 -19.13 13.02 11.72
N LEU A 175 -18.26 13.70 12.46
CA LEU A 175 -18.64 14.92 13.20
C LEU A 175 -19.08 16.00 12.24
N VAL A 176 -18.32 16.21 11.17
CA VAL A 176 -18.63 17.21 10.14
C VAL A 176 -19.98 16.90 9.51
N GLU A 177 -20.20 15.65 9.15
CA GLU A 177 -21.46 15.22 8.56
C GLU A 177 -22.60 15.49 9.53
N TRP A 178 -22.45 15.05 10.78
CA TRP A 178 -23.48 15.26 11.80
C TRP A 178 -23.81 16.75 11.95
N LEU A 179 -22.79 17.59 12.00
CA LEU A 179 -22.95 19.02 12.16
C LEU A 179 -23.27 19.80 10.89
N LYS A 180 -23.01 19.18 9.74
CA LYS A 180 -23.22 19.82 8.44
C LYS A 180 -22.46 21.14 8.41
N ASP A 181 -21.30 21.15 9.04
CA ASP A 181 -20.49 22.37 9.11
C ASP A 181 -19.05 22.09 8.71
N PRO A 182 -18.63 22.58 7.53
CA PRO A 182 -17.27 22.39 7.04
C PRO A 182 -16.40 23.61 7.27
N SER A 183 -16.94 24.60 7.97
CA SER A 183 -16.23 25.87 8.18
C SER A 183 -14.84 25.82 8.74
N GLN A 184 -14.50 24.77 9.48
CA GLN A 184 -13.18 24.68 10.08
C GLN A 184 -12.22 23.74 9.36
N GLU A 185 -12.73 23.00 8.38
CA GLU A 185 -11.96 22.00 7.70
C GLU A 185 -10.71 22.35 6.93
N LEU A 186 -10.85 23.21 5.92
CA LEU A 186 -9.70 23.56 5.09
C LEU A 186 -8.54 24.15 5.90
N GLU A 187 -8.86 24.99 6.88
CA GLU A 187 -7.83 25.58 7.72
C GLU A 187 -7.21 24.52 8.62
N PHE A 188 -8.04 23.64 9.18
CA PHE A 188 -7.52 22.59 10.03
C PHE A 188 -6.56 21.72 9.23
N ILE A 189 -7.03 21.21 8.09
CA ILE A 189 -6.22 20.36 7.21
C ILE A 189 -4.92 21.07 6.79
N ALA A 190 -5.03 22.36 6.47
CA ALA A 190 -3.86 23.15 6.09
C ALA A 190 -2.81 23.11 7.20
N ASP A 191 -3.25 23.13 8.46
CA ASP A 191 -2.30 23.07 9.54
C ASP A 191 -1.60 21.70 9.60
N ILE A 192 -2.35 20.63 9.38
CA ILE A 192 -1.76 19.28 9.39
C ILE A 192 -0.77 19.18 8.22
N LEU A 193 -1.20 19.62 7.04
CA LEU A 193 -0.37 19.58 5.83
C LEU A 193 0.86 20.45 5.96
N ASN A 194 0.83 21.38 6.91
CA ASN A 194 1.96 22.25 7.15
C ASN A 194 3.03 21.49 7.95
N GLN A 195 2.64 20.38 8.56
CA GLN A 195 3.59 19.58 9.33
C GLN A 195 4.05 18.39 8.48
N ASP A 196 3.16 17.88 7.64
CA ASP A 196 3.46 16.78 6.73
C ASP A 196 2.62 17.09 5.51
N ALA A 197 3.26 17.74 4.53
CA ALA A 197 2.60 18.14 3.30
C ALA A 197 2.14 17.00 2.45
N LYS A 198 2.47 15.77 2.86
CA LYS A 198 2.08 14.61 2.07
C LYS A 198 1.18 13.65 2.81
N ASN A 199 0.67 14.05 3.96
CA ASN A 199 -0.20 13.17 4.75
C ASN A 199 -1.41 12.75 3.92
N TYR A 200 -1.42 11.47 3.58
CA TYR A 200 -2.47 10.87 2.77
C TYR A 200 -3.91 11.10 3.27
N HIS A 201 -4.15 10.88 4.55
CA HIS A 201 -5.48 11.03 5.12
C HIS A 201 -5.96 12.49 5.04
N ALA A 202 -5.03 13.41 5.27
CA ALA A 202 -5.30 14.82 5.25
C ALA A 202 -5.77 15.22 3.86
N TRP A 203 -5.05 14.79 2.82
CA TRP A 203 -5.44 15.13 1.45
C TRP A 203 -6.75 14.50 1.06
N GLN A 204 -6.99 13.27 1.52
CA GLN A 204 -8.23 12.54 1.23
C GLN A 204 -9.42 13.22 1.89
N HIS A 205 -9.21 13.68 3.13
CA HIS A 205 -10.27 14.35 3.87
C HIS A 205 -10.57 15.68 3.18
N ARG A 206 -9.52 16.36 2.73
CA ARG A 206 -9.63 17.64 2.05
C ARG A 206 -10.42 17.49 0.74
N GLN A 207 -10.19 16.41 0.01
CA GLN A 207 -10.91 16.19 -1.23
C GLN A 207 -12.39 15.96 -0.92
N TRP A 208 -12.66 15.20 0.13
CA TRP A 208 -14.04 14.93 0.51
C TRP A 208 -14.77 16.21 0.90
N VAL A 209 -14.17 17.01 1.76
CA VAL A 209 -14.76 18.28 2.21
C VAL A 209 -15.08 19.20 1.02
N ILE A 210 -14.08 19.42 0.18
CA ILE A 210 -14.21 20.27 -0.99
C ILE A 210 -15.31 19.79 -1.94
N GLN A 211 -15.33 18.50 -2.20
CA GLN A 211 -16.32 17.95 -3.09
C GLN A 211 -17.72 17.99 -2.50
N GLU A 212 -17.89 17.40 -1.32
CA GLU A 212 -19.18 17.36 -0.68
C GLU A 212 -19.81 18.71 -0.39
N PHE A 213 -19.00 19.69 -0.04
CA PHE A 213 -19.51 21.02 0.27
C PHE A 213 -19.25 22.04 -0.83
N ARG A 214 -18.72 21.57 -1.95
CA ARG A 214 -18.42 22.45 -3.06
C ARG A 214 -17.55 23.64 -2.69
N LEU A 215 -16.40 23.39 -2.05
CA LEU A 215 -15.50 24.49 -1.66
C LEU A 215 -14.29 24.58 -2.61
N TRP A 216 -14.56 24.70 -3.91
CA TRP A 216 -13.52 24.75 -4.94
C TRP A 216 -12.79 26.08 -5.16
N ASP A 217 -13.48 27.17 -4.91
CA ASP A 217 -12.95 28.51 -5.15
C ASP A 217 -11.52 28.89 -4.82
N ASN A 218 -10.98 28.41 -3.71
CA ASN A 218 -9.61 28.80 -3.39
C ASN A 218 -8.56 27.70 -3.45
N GLU A 219 -8.96 26.50 -3.86
CA GLU A 219 -8.03 25.39 -3.88
C GLU A 219 -6.86 25.46 -4.86
N LEU A 220 -7.10 25.95 -6.07
CA LEU A 220 -6.01 26.04 -7.03
C LEU A 220 -4.96 26.99 -6.50
N GLN A 221 -5.41 27.99 -5.77
CA GLN A 221 -4.51 28.98 -5.19
C GLN A 221 -3.65 28.26 -4.14
N TYR A 222 -4.29 27.44 -3.32
CA TYR A 222 -3.60 26.68 -2.29
C TYR A 222 -2.58 25.72 -2.94
N VAL A 223 -3.01 25.04 -4.00
CA VAL A 223 -2.16 24.12 -4.74
C VAL A 223 -0.92 24.85 -5.26
N ASP A 224 -1.11 26.04 -5.80
CA ASP A 224 0.01 26.83 -6.32
C ASP A 224 0.96 27.21 -5.21
N GLN A 225 0.41 27.54 -4.04
CA GLN A 225 1.21 27.91 -2.90
C GLN A 225 2.11 26.74 -2.48
N LEU A 226 1.53 25.55 -2.35
CA LEU A 226 2.31 24.39 -1.94
C LEU A 226 3.32 23.96 -2.99
N LEU A 227 2.96 24.10 -4.26
CA LEU A 227 3.86 23.72 -5.36
C LEU A 227 5.07 24.63 -5.34
N LYS A 228 4.89 25.86 -4.85
CA LYS A 228 5.99 26.79 -4.75
C LYS A 228 6.90 26.34 -3.60
N GLU A 229 6.30 25.90 -2.50
CA GLU A 229 7.08 25.43 -1.36
C GLU A 229 7.88 24.17 -1.72
N ASP A 230 7.26 23.25 -2.47
CA ASP A 230 7.94 22.03 -2.87
C ASP A 230 7.29 21.50 -4.15
N VAL A 231 7.89 21.88 -5.26
CA VAL A 231 7.42 21.52 -6.59
C VAL A 231 7.53 20.00 -6.81
N ARG A 232 8.18 19.32 -5.88
CA ARG A 232 8.33 17.87 -5.96
C ARG A 232 7.22 17.13 -5.23
N ASN A 233 6.30 17.86 -4.61
CA ASN A 233 5.21 17.23 -3.85
C ASN A 233 4.16 16.62 -4.77
N ASN A 234 4.19 15.30 -4.89
CA ASN A 234 3.26 14.60 -5.76
C ASN A 234 1.81 14.71 -5.31
N SER A 235 1.60 14.86 -3.99
CA SER A 235 0.25 14.99 -3.46
C SER A 235 -0.40 16.28 -3.98
N VAL A 236 0.41 17.34 -4.07
CA VAL A 236 -0.05 18.63 -4.56
C VAL A 236 -0.37 18.57 -6.06
N TRP A 237 0.46 17.85 -6.83
CA TRP A 237 0.20 17.71 -8.26
C TRP A 237 -1.11 16.92 -8.44
N ASN A 238 -1.32 15.90 -7.60
CA ASN A 238 -2.53 15.13 -7.67
C ASN A 238 -3.72 16.03 -7.34
N GLN A 239 -3.56 16.90 -6.33
CA GLN A 239 -4.63 17.80 -5.94
C GLN A 239 -4.95 18.78 -7.08
N ARG A 240 -3.90 19.24 -7.76
CA ARG A 240 -4.06 20.17 -8.87
C ARG A 240 -4.95 19.52 -9.93
N HIS A 241 -4.69 18.24 -10.19
CA HIS A 241 -5.47 17.51 -11.16
C HIS A 241 -6.90 17.36 -10.69
N PHE A 242 -7.07 17.14 -9.39
CA PHE A 242 -8.40 16.97 -8.78
C PHE A 242 -9.25 18.25 -8.96
N VAL A 243 -8.67 19.41 -8.64
CA VAL A 243 -9.36 20.67 -8.76
C VAL A 243 -9.76 20.99 -10.20
N ILE A 244 -8.83 20.83 -11.13
CA ILE A 244 -9.10 21.15 -12.51
C ILE A 244 -10.12 20.20 -13.13
N SER A 245 -9.98 18.90 -12.88
CA SER A 245 -10.94 17.95 -13.43
C SER A 245 -12.36 18.25 -13.00
N ASN A 246 -12.53 18.67 -11.75
CA ASN A 246 -13.88 18.94 -11.26
C ASN A 246 -14.41 20.34 -11.42
N THR A 247 -13.59 21.23 -11.97
CA THR A 247 -14.05 22.59 -12.20
C THR A 247 -14.17 22.85 -13.71
N THR A 248 -13.11 23.39 -14.32
CA THR A 248 -13.13 23.69 -15.74
C THR A 248 -12.94 22.45 -16.60
N GLY A 249 -12.27 21.44 -16.07
CA GLY A 249 -12.01 20.26 -16.86
C GLY A 249 -10.80 20.56 -17.71
N TYR A 250 -10.27 19.54 -18.37
CA TYR A 250 -9.10 19.70 -19.23
C TYR A 250 -9.42 19.80 -20.73
N SER A 251 -10.71 19.74 -21.09
CA SER A 251 -11.13 19.82 -22.49
C SER A 251 -11.03 21.25 -23.01
N ASP A 252 -11.24 22.21 -22.13
CA ASP A 252 -11.14 23.60 -22.50
C ASP A 252 -9.70 23.86 -22.94
N ARG A 253 -9.52 24.09 -24.24
CA ARG A 253 -8.21 24.32 -24.82
C ARG A 253 -7.37 25.34 -24.10
N ALA A 254 -7.99 26.42 -23.65
CA ALA A 254 -7.27 27.45 -22.93
C ALA A 254 -6.69 26.88 -21.62
N VAL A 255 -7.48 26.08 -20.92
CA VAL A 255 -7.01 25.49 -19.66
C VAL A 255 -5.87 24.51 -19.91
N LEU A 256 -6.09 23.56 -20.81
CA LEU A 256 -5.08 22.56 -21.16
C LEU A 256 -3.75 23.21 -21.51
N GLU A 257 -3.81 24.17 -22.41
CA GLU A 257 -2.64 24.90 -22.87
C GLU A 257 -1.91 25.53 -21.69
N ARG A 258 -2.68 26.20 -20.83
CA ARG A 258 -2.13 26.86 -19.65
C ARG A 258 -1.40 25.83 -18.79
N GLU A 259 -2.06 24.68 -18.59
CA GLU A 259 -1.51 23.61 -17.79
C GLU A 259 -0.20 23.10 -18.33
N VAL A 260 -0.17 22.87 -19.63
CA VAL A 260 1.01 22.37 -20.29
C VAL A 260 2.15 23.38 -20.26
N GLN A 261 1.85 24.66 -20.45
CA GLN A 261 2.88 25.70 -20.39
C GLN A 261 3.53 25.66 -19.03
N TYR A 262 2.69 25.67 -18.01
CA TYR A 262 3.12 25.64 -16.62
C TYR A 262 4.00 24.45 -16.30
N THR A 263 3.53 23.25 -16.65
CA THR A 263 4.27 22.03 -16.40
C THR A 263 5.62 22.06 -17.11
N LEU A 264 5.63 22.48 -18.38
CA LEU A 264 6.88 22.54 -19.14
C LEU A 264 7.85 23.52 -18.52
N GLU A 265 7.32 24.58 -17.91
CA GLU A 265 8.16 25.57 -17.26
C GLU A 265 8.80 24.98 -15.99
N MET A 266 8.02 24.20 -15.25
CA MET A 266 8.50 23.57 -14.03
C MET A 266 9.55 22.53 -14.41
N ILE A 267 9.32 21.85 -15.52
CA ILE A 267 10.27 20.87 -16.00
C ILE A 267 11.59 21.58 -16.31
N LYS A 268 11.53 22.75 -16.94
CA LYS A 268 12.75 23.49 -17.26
C LYS A 268 13.52 23.85 -15.99
N LEU A 269 12.81 24.25 -14.94
CA LEU A 269 13.44 24.63 -13.68
C LEU A 269 14.01 23.44 -12.88
N VAL A 270 13.34 22.29 -12.93
CA VAL A 270 13.79 21.09 -12.20
C VAL A 270 13.56 19.89 -13.12
N PRO A 271 14.41 19.75 -14.16
CA PRO A 271 14.37 18.68 -15.17
C PRO A 271 14.20 17.27 -14.63
N HIS A 272 14.71 17.04 -13.42
CA HIS A 272 14.64 15.70 -12.82
C HIS A 272 13.47 15.43 -11.87
N ASN A 273 12.55 16.38 -11.77
CA ASN A 273 11.38 16.19 -10.91
C ASN A 273 10.38 15.32 -11.66
N GLU A 274 10.27 14.06 -11.25
CA GLU A 274 9.37 13.10 -11.87
C GLU A 274 7.90 13.52 -11.86
N SER A 275 7.45 14.21 -10.82
CA SER A 275 6.05 14.63 -10.72
C SER A 275 5.54 15.46 -11.92
N ALA A 276 6.28 16.50 -12.30
CA ALA A 276 5.87 17.35 -13.42
C ALA A 276 5.76 16.51 -14.69
N TRP A 277 6.72 15.61 -14.89
CA TRP A 277 6.73 14.74 -16.05
C TRP A 277 5.48 13.85 -16.09
N ASN A 278 5.12 13.35 -14.91
CA ASN A 278 3.94 12.49 -14.79
C ASN A 278 2.65 13.25 -15.02
N TYR A 279 2.59 14.48 -14.53
CA TYR A 279 1.42 15.30 -14.69
C TYR A 279 1.21 15.60 -16.17
N LEU A 280 2.28 16.05 -16.84
CA LEU A 280 2.26 16.35 -18.28
C LEU A 280 1.77 15.13 -19.07
N LYS A 281 2.32 13.96 -18.79
CA LYS A 281 1.88 12.77 -19.48
C LYS A 281 0.44 12.51 -19.11
N GLY A 282 0.12 12.53 -17.83
CA GLY A 282 -1.24 12.26 -17.41
C GLY A 282 -2.35 13.13 -18.01
N ILE A 283 -2.09 14.40 -18.25
CA ILE A 283 -3.13 15.28 -18.81
C ILE A 283 -3.19 15.29 -20.34
N LEU A 284 -2.25 14.61 -21.02
CA LEU A 284 -2.25 14.57 -22.48
C LEU A 284 -2.47 13.16 -23.05
N GLN A 285 -2.09 12.15 -22.28
CA GLN A 285 -2.19 10.76 -22.71
C GLN A 285 -3.57 10.25 -23.09
N ASP A 286 -4.61 10.71 -22.40
CA ASP A 286 -5.96 10.26 -22.70
C ASP A 286 -6.41 10.63 -24.12
N ARG A 287 -6.22 11.90 -24.50
CA ARG A 287 -6.59 12.33 -25.84
C ARG A 287 -5.64 11.72 -26.88
N GLY A 288 -4.43 11.38 -26.43
CA GLY A 288 -3.44 10.78 -27.31
C GLY A 288 -2.26 11.72 -27.47
N LEU A 289 -1.05 11.26 -27.15
CA LEU A 289 0.13 12.12 -27.27
C LEU A 289 0.38 12.61 -28.70
N SER A 290 0.18 11.73 -29.68
CA SER A 290 0.37 12.09 -31.08
C SER A 290 -0.59 13.19 -31.56
N ARG A 291 -1.69 13.38 -30.85
CA ARG A 291 -2.67 14.40 -31.19
C ARG A 291 -2.04 15.81 -31.07
N TYR A 292 -0.90 15.90 -30.38
CA TYR A 292 -0.22 17.19 -30.20
C TYR A 292 1.16 17.16 -30.86
N PRO A 293 1.21 17.38 -32.19
CA PRO A 293 2.42 17.38 -33.02
C PRO A 293 3.61 18.21 -32.55
N ASN A 294 3.35 19.39 -31.98
CA ASN A 294 4.43 20.27 -31.52
C ASN A 294 5.18 19.80 -30.29
N LEU A 295 4.51 18.99 -29.49
CA LEU A 295 5.09 18.48 -28.25
C LEU A 295 6.46 17.83 -28.48
N LEU A 296 6.51 16.92 -29.44
CA LEU A 296 7.74 16.19 -29.79
C LEU A 296 8.92 17.12 -30.06
N ASN A 297 8.76 18.03 -31.01
CA ASN A 297 9.82 18.97 -31.37
C ASN A 297 10.27 19.71 -30.13
N GLN A 298 9.32 20.22 -29.36
CA GLN A 298 9.65 20.97 -28.17
C GLN A 298 10.44 20.16 -27.13
N LEU A 299 10.11 18.89 -26.97
CA LEU A 299 10.84 18.05 -26.01
C LEU A 299 12.25 17.81 -26.54
N LEU A 300 12.34 17.51 -27.83
CA LEU A 300 13.63 17.28 -28.47
C LEU A 300 14.53 18.48 -28.24
N ASP A 301 13.95 19.67 -28.16
CA ASP A 301 14.72 20.89 -27.95
C ASP A 301 15.30 20.99 -26.53
N LEU A 302 14.67 20.32 -25.58
CA LEU A 302 15.17 20.34 -24.20
C LEU A 302 16.27 19.29 -24.02
N GLN A 303 16.42 18.40 -25.01
CA GLN A 303 17.41 17.33 -25.00
C GLN A 303 18.80 17.68 -24.49
N PRO A 304 19.45 18.71 -25.07
CA PRO A 304 20.80 19.07 -24.61
C PRO A 304 20.89 19.45 -23.14
N SER A 305 20.46 20.66 -22.81
CA SER A 305 20.55 21.17 -21.44
C SER A 305 19.47 20.78 -20.43
N HIS A 306 18.65 19.78 -20.73
CA HIS A 306 17.58 19.36 -19.81
C HIS A 306 17.20 17.88 -19.89
N SER A 307 18.08 17.04 -20.42
CA SER A 307 17.79 15.61 -20.55
C SER A 307 17.61 14.90 -19.20
N SER A 308 17.07 13.69 -19.26
CA SER A 308 16.83 12.88 -18.08
C SER A 308 16.20 11.62 -18.60
N PRO A 309 16.21 10.54 -17.80
CA PRO A 309 15.58 9.32 -18.33
C PRO A 309 14.08 9.59 -18.51
N TYR A 310 13.60 10.67 -17.86
CA TYR A 310 12.20 11.08 -17.92
C TYR A 310 11.85 11.65 -19.29
N LEU A 311 12.71 12.53 -19.82
CA LEU A 311 12.50 13.13 -21.15
C LEU A 311 12.56 12.03 -22.20
N ILE A 312 13.58 11.19 -22.10
CA ILE A 312 13.79 10.09 -23.04
C ILE A 312 12.63 9.09 -23.02
N ALA A 313 12.09 8.83 -21.83
CA ALA A 313 10.99 7.89 -21.70
C ALA A 313 9.73 8.48 -22.33
N PHE A 314 9.54 9.78 -22.15
CA PHE A 314 8.38 10.49 -22.70
C PHE A 314 8.40 10.38 -24.23
N LEU A 315 9.58 10.64 -24.82
CA LEU A 315 9.78 10.55 -26.26
C LEU A 315 9.30 9.20 -26.76
N VAL A 316 9.61 8.14 -26.03
CA VAL A 316 9.20 6.79 -26.41
C VAL A 316 7.69 6.67 -26.34
N ASP A 317 7.07 7.40 -25.41
CA ASP A 317 5.61 7.37 -25.27
C ASP A 317 4.96 8.07 -26.44
N ILE A 318 5.59 9.11 -26.95
CA ILE A 318 5.09 9.84 -28.12
C ILE A 318 5.21 8.95 -29.36
N TYR A 319 6.37 8.32 -29.55
CA TYR A 319 6.59 7.45 -30.71
C TYR A 319 5.61 6.30 -30.69
N GLU A 320 5.42 5.72 -29.51
CA GLU A 320 4.52 4.59 -29.34
C GLU A 320 3.10 4.95 -29.81
N ASP A 321 2.63 6.13 -29.43
CA ASP A 321 1.30 6.58 -29.82
C ASP A 321 1.25 6.92 -31.31
N MET A 322 2.28 7.59 -31.81
CA MET A 322 2.34 7.96 -33.22
C MET A 322 2.19 6.68 -34.02
N LEU A 323 2.96 5.68 -33.65
CA LEU A 323 2.93 4.38 -34.32
C LEU A 323 1.55 3.71 -34.29
N GLU A 324 0.77 4.01 -33.27
CA GLU A 324 -0.55 3.43 -33.15
C GLU A 324 -1.59 4.20 -33.94
N ASN A 325 -1.28 5.45 -34.26
CA ASN A 325 -2.20 6.27 -35.04
C ASN A 325 -1.66 6.50 -36.45
N GLN A 326 -1.19 5.41 -37.06
CA GLN A 326 -0.65 5.38 -38.41
C GLN A 326 0.04 6.67 -38.84
N CYS A 327 1.17 6.96 -38.21
CA CYS A 327 1.93 8.16 -38.51
C CYS A 327 2.73 7.99 -39.80
N ASP A 328 3.27 9.09 -40.30
CA ASP A 328 4.09 9.05 -41.51
C ASP A 328 5.46 8.47 -41.11
N ASN A 329 6.19 7.93 -42.07
CA ASN A 329 7.52 7.38 -41.79
C ASN A 329 7.50 6.33 -40.70
N LYS A 330 6.46 5.50 -40.66
CA LYS A 330 6.31 4.47 -39.64
C LYS A 330 7.65 3.88 -39.20
N GLU A 331 8.43 3.41 -40.16
CA GLU A 331 9.71 2.80 -39.85
C GLU A 331 10.73 3.72 -39.22
N ASP A 332 10.86 4.92 -39.76
CA ASP A 332 11.79 5.91 -39.24
C ASP A 332 11.52 6.10 -37.73
N ILE A 333 10.24 6.21 -37.39
CA ILE A 333 9.76 6.41 -36.02
C ILE A 333 10.03 5.19 -35.13
N LEU A 334 9.61 4.02 -35.60
CA LEU A 334 9.83 2.79 -34.85
C LEU A 334 11.30 2.60 -34.44
N ASN A 335 12.22 2.86 -35.36
CA ASN A 335 13.64 2.69 -35.07
C ASN A 335 14.14 3.69 -34.04
N LYS A 336 13.67 4.93 -34.13
CA LYS A 336 14.04 5.95 -33.17
C LYS A 336 13.64 5.44 -31.78
N ALA A 337 12.41 4.94 -31.69
CA ALA A 337 11.85 4.42 -30.45
C ALA A 337 12.66 3.26 -29.87
N LEU A 338 12.94 2.24 -30.69
CA LEU A 338 13.71 1.09 -30.24
C LEU A 338 15.10 1.51 -29.78
N GLU A 339 15.65 2.54 -30.42
CA GLU A 339 16.97 3.03 -30.06
C GLU A 339 16.93 3.62 -28.65
N LEU A 340 15.88 4.39 -28.35
CA LEU A 340 15.72 4.97 -27.03
C LEU A 340 15.46 3.87 -26.01
N CYS A 341 14.66 2.88 -26.37
CA CYS A 341 14.39 1.77 -25.45
C CYS A 341 15.69 1.08 -25.06
N GLU A 342 16.61 0.99 -26.01
CA GLU A 342 17.89 0.35 -25.79
C GLU A 342 18.77 1.22 -24.89
N ILE A 343 18.85 2.51 -25.20
CA ILE A 343 19.64 3.45 -24.39
C ILE A 343 19.15 3.43 -22.94
N LEU A 344 17.83 3.30 -22.77
CA LEU A 344 17.23 3.28 -21.45
C LEU A 344 17.57 1.98 -20.71
N ALA A 345 17.31 0.83 -21.34
CA ALA A 345 17.59 -0.46 -20.73
C ALA A 345 19.07 -0.69 -20.46
N LYS A 346 19.91 -0.17 -21.35
CA LYS A 346 21.34 -0.32 -21.26
C LYS A 346 22.09 0.74 -20.48
N GLU A 347 21.68 2.00 -20.60
CA GLU A 347 22.43 3.04 -19.91
C GLU A 347 21.70 4.07 -19.04
N LYS A 348 20.73 4.78 -19.61
CA LYS A 348 20.01 5.82 -18.90
C LYS A 348 18.97 5.41 -17.85
N ASP A 349 18.48 4.18 -17.90
CA ASP A 349 17.49 3.73 -16.93
C ASP A 349 17.48 2.20 -16.76
N THR A 350 18.63 1.67 -16.37
CA THR A 350 18.83 0.23 -16.21
C THR A 350 17.98 -0.48 -15.15
N ILE A 351 17.53 0.26 -14.13
CA ILE A 351 16.70 -0.33 -13.08
C ILE A 351 15.41 -0.88 -13.70
N ARG A 352 14.99 -0.26 -14.80
CA ARG A 352 13.79 -0.65 -15.54
C ARG A 352 14.11 -1.38 -16.85
N LYS A 353 15.28 -1.99 -16.93
CA LYS A 353 15.69 -2.72 -18.13
C LYS A 353 14.66 -3.74 -18.60
N GLU A 354 14.03 -4.46 -17.67
CA GLU A 354 13.02 -5.44 -18.06
C GLU A 354 11.80 -4.79 -18.70
N TYR A 355 11.40 -3.64 -18.17
CA TYR A 355 10.26 -2.94 -18.71
C TYR A 355 10.62 -2.41 -20.11
N TRP A 356 11.75 -1.70 -20.20
CA TRP A 356 12.18 -1.14 -21.47
C TRP A 356 12.40 -2.16 -22.58
N ARG A 357 12.96 -3.32 -22.23
CA ARG A 357 13.17 -4.38 -23.21
C ARG A 357 11.82 -4.90 -23.70
N TYR A 358 10.84 -4.93 -22.81
CA TYR A 358 9.50 -5.37 -23.14
C TYR A 358 8.83 -4.37 -24.09
N ILE A 359 8.95 -3.07 -23.80
CA ILE A 359 8.38 -2.03 -24.67
C ILE A 359 9.01 -2.22 -26.06
N GLY A 360 10.32 -2.42 -26.09
CA GLY A 360 11.03 -2.63 -27.34
C GLY A 360 10.42 -3.80 -28.11
N ARG A 361 10.20 -4.93 -27.43
CA ARG A 361 9.62 -6.09 -28.09
C ARG A 361 8.18 -5.87 -28.53
N SER A 362 7.41 -5.10 -27.76
CA SER A 362 6.01 -4.81 -28.10
C SER A 362 5.93 -3.97 -29.36
N LEU A 363 6.74 -2.92 -29.44
CA LEU A 363 6.79 -2.03 -30.58
C LEU A 363 7.22 -2.83 -31.82
N GLN A 364 8.29 -3.60 -31.66
CA GLN A 364 8.82 -4.45 -32.73
C GLN A 364 7.69 -5.35 -33.22
N SER A 365 7.10 -6.08 -32.29
CA SER A 365 6.03 -7.01 -32.54
C SER A 365 4.83 -6.45 -33.30
N LYS A 366 4.44 -5.21 -33.04
CA LYS A 366 3.28 -4.68 -33.72
C LYS A 366 3.49 -3.58 -34.76
N HIS A 367 4.70 -3.02 -34.87
CA HIS A 367 4.93 -1.94 -35.82
C HIS A 367 6.05 -2.11 -36.86
N SER A 368 6.78 -3.23 -36.83
CA SER A 368 7.86 -3.46 -37.81
C SER A 368 7.22 -3.63 -39.20
N ARG A 369 7.95 -3.27 -40.26
CA ARG A 369 7.41 -3.39 -41.62
C ARG A 369 6.87 -4.80 -41.90
N GLU A 370 7.44 -5.80 -41.21
CA GLU A 370 7.05 -7.20 -41.35
C GLU A 370 5.79 -7.58 -40.57
N SER A 371 5.47 -6.81 -39.52
CA SER A 371 4.30 -7.07 -38.67
C SER A 371 2.97 -7.33 -39.38
N ASP A 372 2.75 -6.71 -40.54
CA ASP A 372 1.50 -6.91 -41.28
C ASP A 372 1.66 -7.87 -42.48
N ILE A 373 2.90 -8.30 -42.72
CA ILE A 373 3.22 -9.19 -43.84
C ILE A 373 2.94 -10.67 -43.54
N PRO A 374 2.17 -11.36 -44.40
CA PRO A 374 1.85 -12.78 -44.21
C PRO A 374 3.10 -13.67 -44.25
N ALA A 375 3.10 -14.72 -43.43
CA ALA A 375 4.22 -15.68 -43.32
C ALA A 375 4.85 -16.15 -44.63
N SER A 376 4.01 -16.42 -45.63
CA SER A 376 4.42 -16.91 -46.94
C SER A 376 5.31 -15.97 -47.79
N VAL A 377 5.13 -14.65 -47.60
CA VAL A 377 5.87 -13.63 -48.33
C VAL A 377 7.38 -13.75 -48.11
N PRO B 17 35.03 -11.48 -15.74
CA PRO B 17 36.39 -10.91 -15.48
C PRO B 17 36.66 -10.81 -13.99
N VAL B 18 37.90 -10.46 -13.63
CA VAL B 18 38.31 -10.33 -12.23
C VAL B 18 37.89 -9.01 -11.59
N TRP B 19 37.87 -7.94 -12.39
CA TRP B 19 37.46 -6.61 -11.93
C TRP B 19 35.93 -6.48 -11.86
N SER B 20 35.22 -7.50 -12.36
CA SER B 20 33.75 -7.51 -12.40
C SER B 20 33.04 -7.71 -11.06
N GLU B 21 32.27 -6.70 -10.67
CA GLU B 21 31.50 -6.72 -9.42
C GLU B 21 30.13 -7.36 -9.72
N PRO B 22 29.86 -8.57 -9.20
CA PRO B 22 28.57 -9.23 -9.43
C PRO B 22 27.36 -8.54 -8.80
N LEU B 23 27.59 -7.73 -7.76
CA LEU B 23 26.50 -7.02 -7.10
C LEU B 23 26.23 -5.67 -7.74
N TYR B 24 25.06 -5.57 -8.36
CA TYR B 24 24.58 -4.39 -9.05
C TYR B 24 24.73 -3.05 -8.29
N SER B 25 24.39 -3.05 -7.00
CA SER B 25 24.47 -1.84 -6.19
C SER B 25 25.89 -1.40 -5.90
N LEU B 26 26.84 -2.33 -6.01
CA LEU B 26 28.24 -2.04 -5.73
C LEU B 26 29.09 -1.68 -6.95
N ARG B 27 28.52 -1.78 -8.14
CA ARG B 27 29.28 -1.42 -9.34
C ARG B 27 29.53 0.08 -9.40
N PRO B 28 30.67 0.48 -9.99
CA PRO B 28 31.06 1.89 -10.12
C PRO B 28 30.02 2.76 -10.84
N GLU B 29 29.35 2.18 -11.84
CA GLU B 29 28.34 2.91 -12.62
C GLU B 29 27.14 3.24 -11.76
N HIS B 30 26.91 2.40 -10.75
CA HIS B 30 25.79 2.58 -9.86
C HIS B 30 25.76 3.95 -9.21
N ALA B 31 26.93 4.54 -8.96
CA ALA B 31 27.02 5.85 -8.32
C ALA B 31 26.34 6.93 -9.15
N ARG B 32 26.17 6.65 -10.45
CA ARG B 32 25.53 7.59 -11.33
C ARG B 32 24.02 7.65 -11.08
N GLU B 33 23.51 6.66 -10.34
CA GLU B 33 22.10 6.59 -9.98
C GLU B 33 21.73 7.49 -8.80
N ARG B 34 22.70 8.22 -8.25
CA ARG B 34 22.43 9.13 -7.15
C ARG B 34 21.55 10.26 -7.63
N LEU B 35 20.76 10.80 -6.71
CA LEU B 35 19.83 11.88 -6.99
C LEU B 35 20.47 13.14 -7.59
N GLN B 36 19.79 13.72 -8.56
CA GLN B 36 20.23 14.95 -9.18
C GLN B 36 19.16 15.94 -8.82
N ASP B 37 19.47 16.84 -7.89
CA ASP B 37 18.50 17.82 -7.44
C ASP B 37 18.41 19.10 -8.25
N ASP B 38 19.12 19.16 -9.37
CA ASP B 38 19.10 20.33 -10.25
C ASP B 38 19.43 21.61 -9.52
N SER B 39 20.05 21.48 -8.35
CA SER B 39 20.42 22.61 -7.51
C SER B 39 19.22 23.37 -6.95
N VAL B 40 18.08 22.71 -6.96
CA VAL B 40 16.84 23.27 -6.42
C VAL B 40 16.51 22.33 -5.27
N GLU B 41 16.85 22.75 -4.06
CA GLU B 41 16.60 21.93 -2.89
C GLU B 41 15.19 22.16 -2.37
N THR B 42 14.49 21.07 -2.10
CA THR B 42 13.14 21.14 -1.52
C THR B 42 13.12 20.03 -0.49
N VAL B 43 12.09 19.99 0.34
CA VAL B 43 11.95 18.98 1.37
C VAL B 43 12.07 17.57 0.79
N THR B 44 11.45 17.34 -0.35
CA THR B 44 11.49 16.05 -1.00
C THR B 44 12.92 15.63 -1.33
N SER B 45 13.66 16.50 -2.02
CA SER B 45 15.04 16.18 -2.41
C SER B 45 15.97 15.98 -1.22
N ILE B 46 15.82 16.84 -0.22
CA ILE B 46 16.62 16.77 0.98
C ILE B 46 16.42 15.43 1.67
N GLU B 47 15.17 15.01 1.80
CA GLU B 47 14.86 13.73 2.45
C GLU B 47 15.38 12.55 1.68
N GLN B 48 15.24 12.60 0.36
CA GLN B 48 15.68 11.53 -0.52
C GLN B 48 17.18 11.39 -0.43
N ALA B 49 17.87 12.53 -0.43
CA ALA B 49 19.33 12.54 -0.36
C ALA B 49 19.81 11.91 0.94
N LYS B 50 19.13 12.21 2.05
CA LYS B 50 19.49 11.64 3.36
C LYS B 50 19.47 10.12 3.31
N VAL B 51 18.42 9.57 2.69
CA VAL B 51 18.28 8.12 2.57
C VAL B 51 19.38 7.53 1.71
N GLU B 52 19.62 8.15 0.55
CA GLU B 52 20.65 7.65 -0.34
C GLU B 52 22.02 7.64 0.29
N GLU B 53 22.33 8.65 1.08
CA GLU B 53 23.62 8.73 1.73
C GLU B 53 23.73 7.60 2.75
N LYS B 54 22.68 7.37 3.51
CA LYS B 54 22.69 6.31 4.51
C LYS B 54 22.84 4.95 3.83
N ILE B 55 22.16 4.78 2.71
CA ILE B 55 22.22 3.53 1.96
C ILE B 55 23.54 3.35 1.22
N GLN B 56 24.18 4.46 0.85
CA GLN B 56 25.47 4.39 0.18
C GLN B 56 26.49 3.82 1.19
N GLU B 57 26.36 4.20 2.46
CA GLU B 57 27.25 3.69 3.50
C GLU B 57 27.13 2.18 3.60
N VAL B 58 25.89 1.68 3.63
CA VAL B 58 25.69 0.25 3.71
C VAL B 58 26.38 -0.44 2.54
N PHE B 59 26.13 0.07 1.33
CA PHE B 59 26.73 -0.49 0.13
C PHE B 59 28.28 -0.52 0.23
N SER B 60 28.88 0.63 0.55
CA SER B 60 30.34 0.76 0.68
C SER B 60 31.02 0.12 1.90
N SER B 61 30.25 -0.34 2.88
CA SER B 61 30.81 -0.92 4.10
C SER B 61 31.82 -2.04 3.87
N TYR B 62 31.54 -2.93 2.91
CA TYR B 62 32.43 -4.05 2.61
C TYR B 62 33.78 -3.56 2.10
N LYS B 63 33.71 -2.55 1.24
CA LYS B 63 34.86 -1.89 0.62
C LYS B 63 35.72 -1.22 1.68
N PHE B 64 35.12 -0.41 2.53
CA PHE B 64 35.87 0.27 3.57
C PHE B 64 36.42 -0.66 4.65
N ASN B 65 35.78 -1.82 4.80
CA ASN B 65 36.22 -2.82 5.77
C ASN B 65 37.22 -3.80 5.16
N HIS B 66 37.28 -3.80 3.83
CA HIS B 66 38.18 -4.66 3.07
C HIS B 66 37.77 -6.11 3.25
N LEU B 67 36.52 -6.38 2.90
CA LEU B 67 35.97 -7.71 3.03
C LEU B 67 35.18 -8.00 1.76
N VAL B 68 35.13 -9.27 1.36
CA VAL B 68 34.33 -9.61 0.19
C VAL B 68 32.89 -9.80 0.67
N PRO B 69 31.93 -9.05 0.07
CA PRO B 69 30.53 -9.16 0.45
C PRO B 69 29.90 -10.52 0.22
N ARG B 70 29.15 -10.95 1.23
CA ARG B 70 28.43 -12.20 1.17
C ARG B 70 27.04 -11.85 1.69
N LEU B 71 26.04 -11.96 0.82
CA LEU B 71 24.65 -11.65 1.17
C LEU B 71 23.95 -12.89 1.73
N VAL B 72 23.78 -12.88 3.05
CA VAL B 72 23.16 -13.97 3.78
C VAL B 72 21.84 -13.58 4.43
N LEU B 73 20.81 -14.38 4.17
CA LEU B 73 19.52 -14.14 4.80
C LEU B 73 19.67 -14.79 6.19
N GLN B 74 19.65 -13.99 7.24
CA GLN B 74 19.81 -14.49 8.60
C GLN B 74 18.65 -15.35 9.12
N ARG B 75 18.39 -16.47 8.46
CA ARG B 75 17.31 -17.39 8.79
C ARG B 75 17.14 -17.74 10.25
N GLU B 76 18.21 -18.23 10.87
CA GLU B 76 18.13 -18.65 12.25
C GLU B 76 17.68 -17.50 13.15
N LYS B 77 18.23 -16.31 12.89
CA LYS B 77 17.89 -15.10 13.65
C LYS B 77 16.42 -14.75 13.47
N HIS B 78 15.93 -14.79 12.22
CA HIS B 78 14.55 -14.47 11.91
C HIS B 78 13.61 -15.49 12.55
N PHE B 79 14.01 -16.76 12.53
CA PHE B 79 13.20 -17.82 13.12
C PHE B 79 12.98 -17.62 14.62
N HIS B 80 14.03 -17.28 15.37
CA HIS B 80 13.87 -17.09 16.81
C HIS B 80 12.87 -15.98 17.10
N TYR B 81 13.07 -14.84 16.43
CA TYR B 81 12.22 -13.64 16.54
C TYR B 81 10.75 -14.01 16.29
N LEU B 82 10.51 -14.74 15.20
CA LEU B 82 9.17 -15.18 14.84
C LEU B 82 8.57 -16.16 15.83
N LYS B 83 9.31 -17.24 16.10
CA LYS B 83 8.87 -18.29 17.03
C LYS B 83 8.39 -17.73 18.38
N ARG B 84 9.14 -16.77 18.94
CA ARG B 84 8.78 -16.17 20.20
C ARG B 84 7.59 -15.22 20.07
N GLY B 85 7.63 -14.38 19.04
CA GLY B 85 6.55 -13.43 18.80
C GLY B 85 5.20 -14.11 18.62
N LEU B 86 5.20 -15.30 18.04
CA LEU B 86 3.95 -16.04 17.81
C LEU B 86 3.27 -16.38 19.14
N ARG B 87 4.05 -16.28 20.21
CA ARG B 87 3.56 -16.61 21.53
C ARG B 87 3.38 -15.40 22.43
N GLN B 88 4.35 -14.51 22.42
CA GLN B 88 4.29 -13.38 23.32
C GLN B 88 4.97 -12.15 22.75
N LEU B 89 4.42 -10.98 23.02
CA LEU B 89 4.97 -9.73 22.51
C LEU B 89 5.08 -8.71 23.63
N THR B 90 5.99 -7.75 23.48
CA THR B 90 6.16 -6.72 24.49
C THR B 90 5.07 -5.64 24.33
N ASP B 91 5.03 -4.70 25.28
CA ASP B 91 4.04 -3.63 25.23
C ASP B 91 4.27 -2.67 24.08
N ALA B 92 5.32 -2.92 23.32
CA ALA B 92 5.62 -2.11 22.15
C ALA B 92 4.50 -2.40 21.14
N TYR B 93 3.90 -3.57 21.26
CA TYR B 93 2.82 -3.97 20.37
C TYR B 93 1.42 -3.59 20.83
N GLU B 94 1.31 -2.66 21.77
CA GLU B 94 0.01 -2.21 22.25
C GLU B 94 -0.75 -1.49 21.13
N CYS B 95 0.01 -0.86 20.23
CA CYS B 95 -0.57 -0.15 19.08
C CYS B 95 -1.23 -1.12 18.11
N LEU B 96 -0.97 -2.41 18.30
CA LEU B 96 -1.54 -3.44 17.44
C LEU B 96 -2.49 -4.36 18.21
N ASP B 97 -2.99 -3.86 19.35
CA ASP B 97 -3.92 -4.61 20.16
C ASP B 97 -5.25 -4.88 19.42
N ALA B 98 -5.53 -4.08 18.39
CA ALA B 98 -6.76 -4.26 17.61
C ALA B 98 -6.42 -4.91 16.26
N SER B 99 -5.29 -5.61 16.22
CA SER B 99 -4.82 -6.27 15.00
C SER B 99 -4.13 -7.59 15.29
N ARG B 100 -4.59 -8.33 16.29
CA ARG B 100 -3.94 -9.58 16.61
C ARG B 100 -4.02 -10.65 15.52
N PRO B 101 -5.13 -10.72 14.77
CA PRO B 101 -5.13 -11.75 13.72
C PRO B 101 -4.04 -11.42 12.71
N TRP B 102 -3.70 -10.14 12.58
CA TRP B 102 -2.62 -9.72 11.67
C TRP B 102 -1.30 -10.23 12.22
N LEU B 103 -1.11 -10.15 13.54
CA LEU B 103 0.12 -10.65 14.14
C LEU B 103 0.21 -12.15 13.86
N CYS B 104 -0.90 -12.86 13.95
CA CYS B 104 -0.90 -14.28 13.65
C CYS B 104 -0.51 -14.50 12.20
N TYR B 105 -1.16 -13.79 11.30
CA TYR B 105 -0.89 -13.94 9.89
C TYR B 105 0.54 -13.59 9.49
N TRP B 106 1.00 -12.39 9.87
CA TRP B 106 2.34 -11.95 9.52
C TRP B 106 3.41 -12.94 9.96
N ILE B 107 3.27 -13.45 11.18
CA ILE B 107 4.24 -14.38 11.72
C ILE B 107 4.19 -15.76 11.05
N LEU B 108 3.00 -16.36 10.96
CA LEU B 108 2.84 -17.66 10.32
C LEU B 108 3.30 -17.64 8.87
N HIS B 109 3.01 -16.55 8.17
CA HIS B 109 3.41 -16.43 6.77
C HIS B 109 4.93 -16.32 6.65
N SER B 110 5.56 -15.56 7.55
CA SER B 110 7.00 -15.42 7.54
C SER B 110 7.66 -16.79 7.74
N LEU B 111 7.14 -17.55 8.70
CA LEU B 111 7.64 -18.87 9.00
C LEU B 111 7.46 -19.78 7.79
N GLU B 112 6.28 -19.71 7.17
CA GLU B 112 5.97 -20.49 5.99
C GLU B 112 6.97 -20.19 4.87
N LEU B 113 7.31 -18.91 4.70
CA LEU B 113 8.27 -18.50 3.69
C LEU B 113 9.66 -19.07 3.97
N LEU B 114 10.03 -19.09 5.25
CA LEU B 114 11.32 -19.60 5.69
C LEU B 114 11.30 -21.12 5.76
N ASP B 115 10.16 -21.71 5.41
CA ASP B 115 10.00 -23.16 5.42
C ASP B 115 10.15 -23.78 6.80
N GLU B 116 9.56 -23.11 7.80
CA GLU B 116 9.59 -23.60 9.18
C GLU B 116 8.22 -24.22 9.43
N PRO B 117 8.19 -25.45 9.95
CA PRO B 117 6.90 -26.11 10.21
C PRO B 117 6.15 -25.49 11.39
N ILE B 118 4.83 -25.62 11.35
CA ILE B 118 3.98 -25.08 12.41
C ILE B 118 3.55 -26.27 13.25
N PRO B 119 4.11 -26.43 14.45
CA PRO B 119 3.72 -27.58 15.30
C PRO B 119 2.23 -27.55 15.62
N GLN B 120 1.60 -28.71 15.63
CA GLN B 120 0.17 -28.80 15.92
C GLN B 120 -0.28 -28.16 17.22
N ILE B 121 0.63 -28.02 18.19
CA ILE B 121 0.29 -27.35 19.45
C ILE B 121 -0.04 -25.90 19.07
N VAL B 122 0.86 -25.29 18.31
CA VAL B 122 0.72 -23.91 17.85
C VAL B 122 -0.50 -23.73 16.94
N ALA B 123 -0.60 -24.54 15.90
CA ALA B 123 -1.72 -24.47 14.97
C ALA B 123 -3.07 -24.51 15.71
N THR B 124 -3.25 -25.49 16.59
CA THR B 124 -4.49 -25.62 17.34
C THR B 124 -4.78 -24.40 18.23
N ASP B 125 -3.74 -23.84 18.86
CA ASP B 125 -3.90 -22.67 19.71
C ASP B 125 -4.26 -21.44 18.88
N VAL B 126 -3.66 -21.30 17.70
CA VAL B 126 -3.96 -20.18 16.82
C VAL B 126 -5.44 -20.27 16.44
N CYS B 127 -5.88 -21.47 16.07
CA CYS B 127 -7.27 -21.69 15.70
C CYS B 127 -8.23 -21.25 16.80
N GLN B 128 -8.00 -21.76 18.01
CA GLN B 128 -8.85 -21.42 19.13
C GLN B 128 -8.83 -19.94 19.42
N PHE B 129 -7.68 -19.31 19.27
CA PHE B 129 -7.59 -17.88 19.50
C PHE B 129 -8.41 -17.15 18.44
N LEU B 130 -8.22 -17.53 17.17
CA LEU B 130 -8.93 -16.88 16.08
C LEU B 130 -10.42 -17.03 16.22
N GLU B 131 -10.89 -18.14 16.78
CA GLU B 131 -12.32 -18.28 16.94
C GLU B 131 -12.85 -17.41 18.07
N LEU B 132 -11.98 -17.04 19.01
CA LEU B 132 -12.39 -16.14 20.08
C LEU B 132 -12.54 -14.73 19.49
N CYS B 133 -11.83 -14.48 18.39
CA CYS B 133 -11.88 -13.18 17.71
C CYS B 133 -13.04 -13.12 16.73
N GLN B 134 -13.59 -14.28 16.38
CA GLN B 134 -14.69 -14.29 15.43
C GLN B 134 -15.96 -13.74 16.07
N SER B 135 -16.66 -12.90 15.33
CA SER B 135 -17.89 -12.29 15.82
C SER B 135 -19.12 -13.18 15.72
N PRO B 136 -20.10 -13.01 16.64
CA PRO B 136 -21.32 -13.81 16.60
C PRO B 136 -22.07 -13.58 15.28
N ASP B 137 -21.83 -12.43 14.66
CA ASP B 137 -22.52 -12.11 13.41
C ASP B 137 -21.65 -12.11 12.14
N GLY B 138 -20.52 -12.81 12.18
CA GLY B 138 -19.67 -12.89 11.01
C GLY B 138 -18.46 -11.96 11.06
N GLY B 139 -17.37 -12.41 10.44
CA GLY B 139 -16.16 -11.62 10.42
C GLY B 139 -15.35 -11.80 11.70
N PHE B 140 -14.13 -11.30 11.70
CA PHE B 140 -13.25 -11.40 12.84
C PHE B 140 -12.90 -10.00 13.31
N GLY B 141 -12.67 -9.86 14.61
CA GLY B 141 -12.28 -8.59 15.17
C GLY B 141 -10.79 -8.61 15.44
N GLY B 142 -10.25 -7.50 15.94
CA GLY B 142 -8.82 -7.40 16.20
C GLY B 142 -8.35 -8.10 17.47
N GLY B 143 -9.31 -8.64 18.21
CA GLY B 143 -9.03 -9.32 19.46
C GLY B 143 -10.34 -9.84 20.01
N PRO B 144 -10.32 -10.66 21.07
CA PRO B 144 -11.58 -11.18 21.60
C PRO B 144 -12.41 -10.06 22.16
N GLY B 145 -13.70 -10.05 21.80
CA GLY B 145 -14.60 -9.03 22.29
C GLY B 145 -14.67 -7.81 21.40
N GLN B 146 -13.80 -7.71 20.41
CA GLN B 146 -13.81 -6.55 19.53
C GLN B 146 -14.78 -6.77 18.37
N TYR B 147 -15.33 -5.69 17.84
CA TYR B 147 -16.27 -5.78 16.72
C TYR B 147 -15.52 -6.27 15.50
N PRO B 148 -16.21 -6.98 14.60
CA PRO B 148 -15.55 -7.47 13.38
C PRO B 148 -15.08 -6.33 12.48
N HIS B 149 -14.08 -6.59 11.65
CA HIS B 149 -13.52 -5.56 10.77
C HIS B 149 -12.94 -6.33 9.58
N LEU B 150 -13.02 -5.78 8.38
CA LEU B 150 -12.47 -6.48 7.22
C LEU B 150 -10.96 -6.73 7.21
N ALA B 151 -10.18 -5.86 7.84
CA ALA B 151 -8.74 -6.08 7.85
C ALA B 151 -8.40 -7.32 8.67
N PRO B 152 -8.82 -7.37 9.96
CA PRO B 152 -8.49 -8.58 10.73
C PRO B 152 -9.23 -9.84 10.22
N THR B 153 -10.33 -9.63 9.48
CA THR B 153 -11.08 -10.76 8.89
C THR B 153 -10.21 -11.36 7.78
N TYR B 154 -9.59 -10.48 6.98
CA TYR B 154 -8.70 -10.90 5.91
C TYR B 154 -7.52 -11.66 6.51
N ALA B 155 -6.93 -11.08 7.56
CA ALA B 155 -5.78 -11.69 8.24
C ALA B 155 -6.11 -13.05 8.82
N ALA B 156 -7.21 -13.14 9.57
CA ALA B 156 -7.63 -14.39 10.19
C ALA B 156 -7.82 -15.51 9.17
N VAL B 157 -8.54 -15.23 8.10
CA VAL B 157 -8.78 -16.23 7.07
C VAL B 157 -7.45 -16.69 6.48
N ASN B 158 -6.57 -15.75 6.13
CA ASN B 158 -5.27 -16.11 5.58
C ASN B 158 -4.50 -16.99 6.56
N ALA B 159 -4.49 -16.57 7.83
CA ALA B 159 -3.80 -17.33 8.85
C ALA B 159 -4.35 -18.77 8.96
N LEU B 160 -5.67 -18.94 8.97
CA LEU B 160 -6.28 -20.28 9.07
C LEU B 160 -5.96 -21.13 7.82
N CYS B 161 -5.83 -20.48 6.67
CA CYS B 161 -5.50 -21.17 5.43
C CYS B 161 -4.04 -21.61 5.38
N ILE B 162 -3.15 -20.84 6.01
CA ILE B 162 -1.74 -21.20 6.08
C ILE B 162 -1.63 -22.47 6.93
N ILE B 163 -2.42 -22.56 7.99
CA ILE B 163 -2.42 -23.74 8.83
C ILE B 163 -3.03 -24.85 7.99
N GLY B 164 -4.17 -24.56 7.39
CA GLY B 164 -4.82 -25.51 6.50
C GLY B 164 -5.29 -26.85 7.01
N THR B 165 -5.64 -26.95 8.28
CA THR B 165 -6.14 -28.21 8.81
C THR B 165 -7.65 -28.15 8.77
N GLU B 166 -8.31 -29.29 8.97
CA GLU B 166 -9.77 -29.34 8.97
C GLU B 166 -10.25 -28.40 10.07
N GLU B 167 -9.52 -28.40 11.18
CA GLU B 167 -9.84 -27.55 12.32
C GLU B 167 -9.81 -26.09 11.88
N ALA B 168 -8.69 -25.68 11.26
CA ALA B 168 -8.50 -24.31 10.78
C ALA B 168 -9.67 -23.86 9.90
N TYR B 169 -9.97 -24.65 8.87
CA TYR B 169 -11.06 -24.34 7.97
C TYR B 169 -12.39 -24.25 8.74
N ASN B 170 -12.63 -25.22 9.61
CA ASN B 170 -13.87 -25.26 10.39
C ASN B 170 -14.15 -24.05 11.27
N VAL B 171 -13.11 -23.34 11.68
CA VAL B 171 -13.28 -22.16 12.53
C VAL B 171 -14.19 -21.12 11.84
N ILE B 172 -13.99 -20.95 10.54
CA ILE B 172 -14.75 -19.96 9.81
C ILE B 172 -16.23 -20.22 9.68
N ASN B 173 -17.04 -19.31 10.21
CA ASN B 173 -18.48 -19.44 10.09
C ASN B 173 -18.84 -18.71 8.77
N ARG B 174 -18.94 -19.49 7.70
CA ARG B 174 -19.21 -18.99 6.35
C ARG B 174 -20.52 -18.27 6.08
N GLU B 175 -21.62 -18.73 6.66
CA GLU B 175 -22.93 -18.07 6.44
C GLU B 175 -22.89 -16.68 7.05
N LYS B 176 -22.41 -16.61 8.29
CA LYS B 176 -22.29 -15.36 9.00
C LYS B 176 -21.29 -14.47 8.29
N LEU B 177 -20.20 -15.06 7.80
CA LEU B 177 -19.19 -14.28 7.09
C LEU B 177 -19.84 -13.57 5.89
N LEU B 178 -20.67 -14.32 5.15
CA LEU B 178 -21.35 -13.77 3.98
C LEU B 178 -22.32 -12.68 4.41
N GLN B 179 -23.06 -12.92 5.49
CA GLN B 179 -23.99 -11.92 6.00
C GLN B 179 -23.20 -10.65 6.33
N TYR B 180 -22.07 -10.83 7.01
CA TYR B 180 -21.21 -9.72 7.38
C TYR B 180 -20.79 -8.92 6.13
N LEU B 181 -20.27 -9.58 5.11
CA LEU B 181 -19.85 -8.88 3.89
C LEU B 181 -20.99 -8.04 3.30
N TYR B 182 -22.19 -8.61 3.27
CA TYR B 182 -23.37 -7.90 2.76
C TYR B 182 -23.71 -6.69 3.60
N SER B 183 -23.54 -6.80 4.92
CA SER B 183 -23.86 -5.67 5.79
C SER B 183 -22.93 -4.50 5.53
N LEU B 184 -21.78 -4.75 4.91
CA LEU B 184 -20.81 -3.69 4.63
C LEU B 184 -20.88 -3.11 3.22
N LYS B 185 -21.48 -3.87 2.29
CA LYS B 185 -21.62 -3.50 0.88
C LYS B 185 -22.41 -2.21 0.66
N GLN B 186 -21.86 -1.35 -0.21
CA GLN B 186 -22.46 -0.06 -0.53
C GLN B 186 -23.10 -0.05 -1.92
N PRO B 187 -24.04 0.88 -2.14
CA PRO B 187 -24.73 0.99 -3.43
C PRO B 187 -23.78 1.31 -4.58
N ASP B 188 -22.71 2.03 -4.31
CA ASP B 188 -21.77 2.38 -5.36
C ASP B 188 -20.76 1.31 -5.71
N GLY B 189 -20.88 0.13 -5.09
CA GLY B 189 -19.96 -0.96 -5.35
C GLY B 189 -18.85 -1.17 -4.32
N SER B 190 -18.66 -0.19 -3.43
CA SER B 190 -17.64 -0.28 -2.41
C SER B 190 -18.12 -0.98 -1.15
N PHE B 191 -17.23 -1.10 -0.18
CA PHE B 191 -17.53 -1.75 1.10
C PHE B 191 -16.97 -0.89 2.24
N LEU B 192 -17.64 -0.91 3.39
CA LEU B 192 -17.12 -0.19 4.56
C LEU B 192 -16.07 -1.13 5.12
N MET B 193 -15.13 -0.63 5.94
CA MET B 193 -14.15 -1.52 6.54
C MET B 193 -14.81 -2.27 7.70
N HIS B 194 -15.76 -1.61 8.34
CA HIS B 194 -16.50 -2.18 9.46
C HIS B 194 -17.73 -1.28 9.64
N VAL B 195 -18.68 -1.73 10.45
CA VAL B 195 -19.91 -0.97 10.71
C VAL B 195 -19.61 0.42 11.24
N GLY B 196 -20.09 1.43 10.54
CA GLY B 196 -19.85 2.80 10.93
C GLY B 196 -18.42 3.21 10.64
N GLY B 197 -17.75 2.44 9.77
CA GLY B 197 -16.36 2.70 9.43
C GLY B 197 -16.10 3.39 8.10
N GLU B 198 -14.83 3.48 7.74
CA GLU B 198 -14.40 4.12 6.52
C GLU B 198 -14.44 3.21 5.28
N VAL B 199 -14.46 3.85 4.13
CA VAL B 199 -14.47 3.16 2.85
C VAL B 199 -13.22 3.54 2.05
N ASP B 200 -12.57 2.53 1.49
CA ASP B 200 -11.42 2.72 0.61
C ASP B 200 -11.15 1.37 -0.04
N VAL B 201 -10.29 1.35 -1.05
CA VAL B 201 -10.01 0.12 -1.78
C VAL B 201 -9.57 -1.11 -0.98
N ARG B 202 -9.02 -0.91 0.22
CA ARG B 202 -8.61 -2.07 1.02
C ARG B 202 -9.82 -2.99 1.30
N SER B 203 -10.99 -2.41 1.51
CA SER B 203 -12.16 -3.22 1.84
C SER B 203 -12.56 -4.17 0.73
N ALA B 204 -12.49 -3.69 -0.52
CA ALA B 204 -12.83 -4.49 -1.69
C ALA B 204 -11.89 -5.70 -1.76
N TYR B 205 -10.59 -5.46 -1.58
CA TYR B 205 -9.62 -6.55 -1.59
C TYR B 205 -9.83 -7.52 -0.41
N CYS B 206 -10.00 -7.02 0.80
CA CYS B 206 -10.21 -7.88 1.95
C CYS B 206 -11.43 -8.78 1.71
N ALA B 207 -12.52 -8.17 1.23
CA ALA B 207 -13.76 -8.91 0.98
C ALA B 207 -13.62 -9.99 -0.11
N ALA B 208 -13.05 -9.60 -1.25
CA ALA B 208 -12.84 -10.52 -2.36
C ALA B 208 -11.97 -11.70 -1.94
N SER B 209 -10.91 -11.40 -1.18
CA SER B 209 -9.96 -12.43 -0.71
C SER B 209 -10.65 -13.48 0.14
N VAL B 210 -11.31 -13.06 1.22
CA VAL B 210 -11.98 -14.00 2.10
C VAL B 210 -13.15 -14.72 1.41
N ALA B 211 -13.88 -14.00 0.57
CA ALA B 211 -15.03 -14.56 -0.12
C ALA B 211 -14.64 -15.59 -1.16
N SER B 212 -13.55 -15.35 -1.86
CA SER B 212 -13.08 -16.28 -2.87
C SER B 212 -12.54 -17.52 -2.18
N LEU B 213 -11.68 -17.32 -1.19
CA LEU B 213 -11.10 -18.45 -0.48
C LEU B 213 -12.13 -19.36 0.15
N THR B 214 -13.17 -18.79 0.76
CA THR B 214 -14.18 -19.62 1.41
C THR B 214 -15.36 -20.04 0.53
N ASN B 215 -15.33 -19.66 -0.75
CA ASN B 215 -16.41 -20.01 -1.67
C ASN B 215 -17.79 -19.54 -1.16
N ILE B 216 -17.92 -18.25 -0.91
CA ILE B 216 -19.18 -17.69 -0.43
C ILE B 216 -19.64 -16.58 -1.38
N ILE B 217 -19.02 -16.52 -2.56
CA ILE B 217 -19.34 -15.49 -3.54
C ILE B 217 -20.64 -15.75 -4.28
N THR B 218 -21.62 -14.90 -4.04
CA THR B 218 -22.93 -14.97 -4.67
C THR B 218 -22.89 -14.11 -5.94
N PRO B 219 -23.85 -14.28 -6.86
CA PRO B 219 -23.86 -13.47 -8.09
C PRO B 219 -23.86 -11.95 -7.96
N ASP B 220 -24.50 -11.41 -6.92
CA ASP B 220 -24.58 -9.97 -6.74
C ASP B 220 -23.69 -9.34 -5.66
N LEU B 221 -22.96 -10.18 -4.91
CA LEU B 221 -22.10 -9.70 -3.84
C LEU B 221 -21.17 -8.57 -4.26
N PHE B 222 -20.46 -8.78 -5.36
CA PHE B 222 -19.51 -7.81 -5.86
C PHE B 222 -20.00 -6.93 -7.00
N GLU B 223 -21.31 -6.75 -7.04
CA GLU B 223 -21.98 -5.93 -8.06
C GLU B 223 -21.42 -4.53 -7.95
N GLY B 224 -20.91 -4.01 -9.05
CA GLY B 224 -20.36 -2.66 -9.05
C GLY B 224 -18.99 -2.48 -8.41
N THR B 225 -18.47 -3.52 -7.79
CA THR B 225 -17.17 -3.43 -7.13
C THR B 225 -16.03 -3.17 -8.11
N ALA B 226 -16.02 -3.88 -9.25
CA ALA B 226 -14.95 -3.69 -10.22
C ALA B 226 -14.96 -2.28 -10.77
N GLU B 227 -16.15 -1.75 -10.98
CA GLU B 227 -16.31 -0.41 -11.51
C GLU B 227 -15.85 0.58 -10.49
N TRP B 228 -16.23 0.34 -9.24
CA TRP B 228 -15.80 1.23 -8.19
C TRP B 228 -14.26 1.26 -8.14
N ILE B 229 -13.64 0.08 -8.14
CA ILE B 229 -12.17 -0.02 -8.10
C ILE B 229 -11.54 0.67 -9.30
N ALA B 230 -12.12 0.47 -10.48
CA ALA B 230 -11.58 1.10 -11.68
C ALA B 230 -11.60 2.63 -11.56
N ARG B 231 -12.58 3.18 -10.85
CA ARG B 231 -12.66 4.63 -10.65
C ARG B 231 -11.52 5.17 -9.76
N CYS B 232 -10.82 4.27 -9.06
CA CYS B 232 -9.70 4.67 -8.22
C CYS B 232 -8.41 4.82 -8.99
N GLN B 233 -8.34 4.26 -10.20
CA GLN B 233 -7.12 4.43 -11.01
C GLN B 233 -7.13 5.89 -11.45
N ASN B 234 -6.01 6.59 -11.26
CA ASN B 234 -5.94 8.01 -11.61
C ASN B 234 -5.01 8.36 -12.77
N TRP B 235 -4.75 9.65 -12.96
CA TRP B 235 -3.88 10.13 -14.03
C TRP B 235 -2.45 9.60 -14.01
N GLU B 236 -2.02 9.05 -12.88
CA GLU B 236 -0.66 8.53 -12.71
C GLU B 236 -0.53 7.11 -13.23
N GLY B 237 -1.65 6.40 -13.33
CA GLY B 237 -1.61 5.03 -13.79
C GLY B 237 -1.86 4.11 -12.62
N GLY B 238 -1.49 4.55 -11.42
CA GLY B 238 -1.71 3.75 -10.24
C GLY B 238 -3.13 3.88 -9.71
N ILE B 239 -3.37 3.35 -8.51
CA ILE B 239 -4.68 3.39 -7.88
C ILE B 239 -4.60 4.05 -6.49
N GLY B 240 -5.54 4.95 -6.20
CA GLY B 240 -5.57 5.63 -4.92
C GLY B 240 -6.57 4.98 -3.97
N GLY B 241 -6.66 5.47 -2.75
CA GLY B 241 -7.57 4.90 -1.77
C GLY B 241 -9.04 4.95 -2.18
N VAL B 242 -9.45 6.11 -2.66
CA VAL B 242 -10.82 6.37 -3.12
C VAL B 242 -10.67 7.20 -4.41
N PRO B 243 -11.73 7.25 -5.25
CA PRO B 243 -11.63 8.03 -6.50
C PRO B 243 -11.14 9.46 -6.27
N GLY B 244 -10.11 9.87 -7.02
CA GLY B 244 -9.60 11.21 -6.88
C GLY B 244 -8.28 11.33 -6.13
N MET B 245 -7.97 10.32 -5.31
CA MET B 245 -6.74 10.33 -4.52
C MET B 245 -5.46 9.83 -5.23
N GLU B 246 -4.33 10.32 -4.74
CA GLU B 246 -3.00 9.99 -5.26
C GLU B 246 -2.75 8.49 -5.33
N ALA B 247 -2.11 8.04 -6.40
CA ALA B 247 -1.80 6.62 -6.61
C ALA B 247 -0.81 6.16 -5.54
N HIS B 248 -1.10 5.03 -4.92
CA HIS B 248 -0.27 4.51 -3.84
C HIS B 248 -0.20 2.98 -3.92
N GLY B 249 0.99 2.44 -3.67
CA GLY B 249 1.23 1.00 -3.72
C GLY B 249 0.32 0.09 -2.91
N GLY B 250 0.00 0.48 -1.68
CA GLY B 250 -0.89 -0.35 -0.89
C GLY B 250 -2.26 -0.49 -1.50
N TYR B 251 -2.78 0.63 -2.00
CA TYR B 251 -4.08 0.66 -2.62
C TYR B 251 -4.07 0.03 -4.00
N THR B 252 -3.01 0.27 -4.76
CA THR B 252 -2.87 -0.30 -6.09
C THR B 252 -2.80 -1.83 -5.98
N PHE B 253 -2.07 -2.32 -4.99
CA PHE B 253 -2.02 -3.75 -4.81
C PHE B 253 -3.44 -4.27 -4.53
N CYS B 254 -4.11 -3.66 -3.55
CA CYS B 254 -5.47 -4.07 -3.19
C CYS B 254 -6.40 -4.05 -4.41
N GLY B 255 -6.29 -2.97 -5.20
CA GLY B 255 -7.13 -2.81 -6.37
C GLY B 255 -6.95 -3.86 -7.44
N LEU B 256 -5.71 -4.01 -7.89
CA LEU B 256 -5.43 -5.00 -8.92
C LEU B 256 -5.73 -6.42 -8.40
N ALA B 257 -5.29 -6.74 -7.20
CA ALA B 257 -5.52 -8.07 -6.65
C ALA B 257 -7.02 -8.40 -6.59
N ALA B 258 -7.83 -7.45 -6.11
CA ALA B 258 -9.26 -7.67 -6.01
C ALA B 258 -9.82 -7.87 -7.41
N LEU B 259 -9.35 -7.06 -8.36
CA LEU B 259 -9.81 -7.18 -9.75
C LEU B 259 -9.41 -8.53 -10.33
N VAL B 260 -8.24 -9.03 -9.97
CA VAL B 260 -7.79 -10.33 -10.45
C VAL B 260 -8.69 -11.41 -9.89
N ILE B 261 -9.05 -11.28 -8.62
CA ILE B 261 -9.93 -12.26 -7.99
C ILE B 261 -11.29 -12.26 -8.69
N LEU B 262 -11.79 -11.06 -9.01
CA LEU B 262 -13.08 -10.88 -9.67
C LEU B 262 -13.01 -11.08 -11.19
N LYS B 263 -11.81 -11.38 -11.69
CA LYS B 263 -11.60 -11.59 -13.11
C LYS B 263 -12.02 -10.36 -13.93
N LYS B 264 -11.64 -9.19 -13.45
CA LYS B 264 -11.98 -7.95 -14.13
C LYS B 264 -10.80 -7.02 -14.30
N GLU B 265 -9.59 -7.56 -14.29
CA GLU B 265 -8.37 -6.74 -14.43
C GLU B 265 -8.47 -5.85 -15.64
N ARG B 266 -9.19 -6.34 -16.65
CA ARG B 266 -9.35 -5.61 -17.89
C ARG B 266 -10.06 -4.25 -17.77
N SER B 267 -10.80 -4.04 -16.67
CA SER B 267 -11.47 -2.76 -16.43
C SER B 267 -10.44 -1.64 -16.30
N LEU B 268 -9.21 -2.00 -15.95
CA LEU B 268 -8.15 -1.02 -15.76
C LEU B 268 -7.35 -0.75 -17.03
N ASN B 269 -6.59 0.36 -17.03
CA ASN B 269 -5.69 0.67 -18.12
C ASN B 269 -4.36 0.05 -17.63
N LEU B 270 -4.23 -1.25 -17.88
CA LEU B 270 -3.07 -2.02 -17.46
C LEU B 270 -1.74 -1.44 -17.93
N LYS B 271 -1.75 -0.79 -19.08
CA LYS B 271 -0.55 -0.19 -19.63
C LYS B 271 -0.02 0.95 -18.74
N SER B 272 -0.90 1.87 -18.35
CA SER B 272 -0.47 2.99 -17.51
C SER B 272 -0.16 2.52 -16.10
N LEU B 273 -0.84 1.46 -15.67
CA LEU B 273 -0.59 0.89 -14.34
C LEU B 273 0.84 0.32 -14.33
N LEU B 274 1.17 -0.43 -15.37
CA LEU B 274 2.50 -1.05 -15.50
C LEU B 274 3.60 0.01 -15.51
N GLN B 275 3.41 1.11 -16.23
CA GLN B 275 4.43 2.13 -16.28
C GLN B 275 4.58 2.82 -14.92
N TRP B 276 3.46 2.95 -14.20
CA TRP B 276 3.51 3.59 -12.90
C TRP B 276 4.25 2.72 -11.88
N VAL B 277 3.90 1.44 -11.78
CA VAL B 277 4.56 0.58 -10.81
C VAL B 277 6.05 0.40 -11.08
N THR B 278 6.43 0.19 -12.35
CA THR B 278 7.84 0.01 -12.67
C THR B 278 8.65 1.26 -12.30
N SER B 279 8.02 2.44 -12.41
CA SER B 279 8.65 3.71 -12.06
C SER B 279 8.82 3.89 -10.55
N ARG B 280 8.19 3.01 -9.77
CA ARG B 280 8.28 3.10 -8.31
C ARG B 280 9.54 2.45 -7.70
N GLN B 281 10.31 1.74 -8.52
CA GLN B 281 11.53 1.13 -8.03
C GLN B 281 12.61 2.21 -8.03
N MET B 282 13.26 2.40 -6.88
CA MET B 282 14.30 3.44 -6.74
C MET B 282 15.58 3.06 -7.48
N ARG B 283 15.98 3.88 -8.45
CA ARG B 283 17.17 3.58 -9.25
C ARG B 283 18.45 3.38 -8.43
N PHE B 284 18.55 4.09 -7.31
CA PHE B 284 19.73 3.95 -6.49
C PHE B 284 19.59 2.85 -5.42
N GLU B 285 18.57 2.97 -4.58
CA GLU B 285 18.35 2.03 -3.49
C GLU B 285 17.98 0.63 -3.96
N GLY B 286 17.24 0.50 -5.06
CA GLY B 286 16.85 -0.82 -5.56
C GLY B 286 15.50 -1.29 -5.03
N GLY B 287 15.07 -0.75 -3.91
CA GLY B 287 13.77 -1.10 -3.35
C GLY B 287 12.71 -0.23 -4.00
N PHE B 288 11.47 -0.34 -3.51
CA PHE B 288 10.36 0.43 -4.06
C PHE B 288 9.87 1.49 -3.09
N GLN B 289 9.29 2.56 -3.65
CA GLN B 289 8.70 3.64 -2.87
C GLN B 289 7.18 3.42 -2.94
N GLY B 290 6.45 4.04 -2.02
CA GLY B 290 5.00 3.88 -2.00
C GLY B 290 4.24 4.74 -2.99
N ARG B 291 4.77 5.93 -3.26
CA ARG B 291 4.19 6.87 -4.20
C ARG B 291 5.32 7.76 -4.73
N CYS B 292 5.07 8.38 -5.88
CA CYS B 292 6.06 9.22 -6.53
C CYS B 292 6.59 10.33 -5.62
N ASN B 293 7.91 10.47 -5.62
CA ASN B 293 8.61 11.46 -4.80
C ASN B 293 8.61 11.26 -3.29
N LYS B 294 8.33 10.03 -2.85
CA LYS B 294 8.40 9.70 -1.43
C LYS B 294 9.58 8.72 -1.24
N LEU B 295 9.79 8.24 -0.02
CA LEU B 295 10.95 7.39 0.23
C LEU B 295 10.77 5.90 0.04
N VAL B 296 11.91 5.22 -0.17
CA VAL B 296 12.00 3.78 -0.33
C VAL B 296 11.56 3.12 0.99
N ASP B 297 10.97 1.93 0.92
CA ASP B 297 10.52 1.23 2.13
C ASP B 297 10.41 -0.26 1.82
N GLY B 298 11.00 -1.06 2.70
CA GLY B 298 10.99 -2.50 2.55
C GLY B 298 9.64 -3.21 2.35
N CYS B 299 8.59 -2.77 3.02
CA CYS B 299 7.29 -3.43 2.88
C CYS B 299 6.76 -3.33 1.44
N TYR B 300 7.14 -2.27 0.72
CA TYR B 300 6.71 -2.10 -0.66
C TYR B 300 7.34 -3.11 -1.61
N SER B 301 8.28 -3.88 -1.08
CA SER B 301 8.93 -4.95 -1.83
C SER B 301 7.79 -5.90 -2.20
N PHE B 302 6.76 -5.92 -1.38
CA PHE B 302 5.61 -6.75 -1.69
C PHE B 302 4.47 -5.97 -2.37
N TRP B 303 3.95 -4.94 -1.71
CA TRP B 303 2.84 -4.18 -2.28
C TRP B 303 3.10 -3.74 -3.71
N GLN B 304 4.27 -3.17 -3.97
CA GLN B 304 4.61 -2.71 -5.33
C GLN B 304 5.08 -3.84 -6.24
N ALA B 305 6.14 -4.54 -5.85
CA ALA B 305 6.68 -5.60 -6.69
C ALA B 305 5.69 -6.73 -6.93
N GLY B 306 4.80 -6.95 -5.96
CA GLY B 306 3.79 -7.99 -6.09
C GLY B 306 2.84 -7.75 -7.26
N LEU B 307 2.79 -6.51 -7.73
CA LEU B 307 1.93 -6.14 -8.85
C LEU B 307 2.43 -6.73 -10.17
N LEU B 308 3.74 -6.87 -10.31
CA LEU B 308 4.29 -7.38 -11.56
C LEU B 308 3.80 -8.78 -11.88
N PRO B 309 3.79 -9.70 -10.90
CA PRO B 309 3.29 -11.05 -11.19
C PRO B 309 1.82 -10.98 -11.64
N LEU B 310 1.05 -10.11 -11.00
CA LEU B 310 -0.37 -9.92 -11.33
C LEU B 310 -0.53 -9.35 -12.74
N LEU B 311 0.25 -8.33 -13.08
CA LEU B 311 0.19 -7.70 -14.39
C LEU B 311 0.65 -8.69 -15.46
N HIS B 312 1.65 -9.51 -15.12
CA HIS B 312 2.15 -10.49 -16.07
C HIS B 312 1.01 -11.48 -16.41
N ARG B 313 0.32 -11.99 -15.39
CA ARG B 313 -0.77 -12.93 -15.58
C ARG B 313 -1.91 -12.29 -16.39
N ALA B 314 -2.18 -11.02 -16.14
CA ALA B 314 -3.24 -10.30 -16.85
C ALA B 314 -2.86 -10.08 -18.29
N LEU B 315 -1.67 -9.54 -18.53
CA LEU B 315 -1.22 -9.28 -19.89
C LEU B 315 -1.09 -10.57 -20.70
N HIS B 316 -0.61 -11.61 -20.04
CA HIS B 316 -0.46 -12.91 -20.69
C HIS B 316 -1.83 -13.48 -21.06
N ALA B 317 -2.83 -13.27 -20.20
CA ALA B 317 -4.18 -13.75 -20.43
C ALA B 317 -4.78 -13.07 -21.67
N GLN B 318 -4.26 -11.90 -22.00
CA GLN B 318 -4.72 -11.18 -23.18
C GLN B 318 -3.89 -11.60 -24.38
N GLY B 319 -3.07 -12.63 -24.19
CA GLY B 319 -2.21 -13.11 -25.26
C GLY B 319 -1.07 -12.18 -25.65
N ASP B 320 -0.57 -11.41 -24.71
CA ASP B 320 0.53 -10.49 -24.98
C ASP B 320 1.76 -11.32 -25.38
N PRO B 321 2.24 -11.12 -26.62
CA PRO B 321 3.40 -11.85 -27.14
C PRO B 321 4.78 -11.33 -26.72
N ALA B 322 4.88 -10.06 -26.32
CA ALA B 322 6.17 -9.50 -25.94
C ALA B 322 6.62 -9.77 -24.49
N LEU B 323 5.78 -10.49 -23.72
CA LEU B 323 6.10 -10.79 -22.32
C LEU B 323 7.28 -11.73 -22.13
N SER B 324 8.18 -11.36 -21.22
CA SER B 324 9.33 -12.21 -20.90
C SER B 324 8.84 -13.55 -20.35
N MET B 325 9.68 -14.57 -20.51
CA MET B 325 9.38 -15.92 -20.06
C MET B 325 10.32 -16.39 -18.95
N SER B 326 11.07 -15.46 -18.37
CA SER B 326 11.99 -15.79 -17.30
C SER B 326 12.09 -14.75 -16.17
N HIS B 327 11.54 -13.56 -16.38
CA HIS B 327 11.61 -12.49 -15.38
C HIS B 327 10.35 -11.63 -15.30
N TRP B 328 10.22 -10.93 -14.18
CA TRP B 328 9.09 -10.02 -13.94
C TRP B 328 9.57 -8.67 -14.46
N MET B 329 8.66 -7.74 -14.72
CA MET B 329 9.10 -6.45 -15.22
C MET B 329 9.65 -5.48 -14.19
N PHE B 330 10.58 -5.97 -13.39
CA PHE B 330 11.27 -5.17 -12.39
C PHE B 330 12.65 -5.78 -12.14
N HIS B 331 13.57 -4.99 -11.64
CA HIS B 331 14.93 -5.46 -11.37
C HIS B 331 14.94 -6.38 -10.13
N GLN B 332 14.76 -7.69 -10.35
CA GLN B 332 14.74 -8.68 -9.27
C GLN B 332 16.01 -8.70 -8.43
N GLN B 333 17.15 -8.63 -9.10
CA GLN B 333 18.45 -8.61 -8.43
C GLN B 333 18.55 -7.41 -7.47
N ALA B 334 18.26 -6.20 -7.97
CA ALA B 334 18.36 -4.99 -7.13
C ALA B 334 17.42 -5.00 -5.92
N LEU B 335 16.21 -5.52 -6.08
CA LEU B 335 15.30 -5.60 -4.95
C LEU B 335 15.90 -6.55 -3.90
N GLN B 336 16.35 -7.74 -4.33
CA GLN B 336 16.95 -8.71 -3.40
C GLN B 336 18.17 -8.11 -2.69
N GLU B 337 18.96 -7.33 -3.41
CA GLU B 337 20.13 -6.70 -2.82
C GLU B 337 19.70 -5.69 -1.78
N TYR B 338 18.69 -4.88 -2.09
CA TYR B 338 18.21 -3.88 -1.15
C TYR B 338 17.76 -4.56 0.14
N ILE B 339 16.93 -5.57 0.01
CA ILE B 339 16.39 -6.28 1.17
C ILE B 339 17.49 -6.95 1.98
N LEU B 340 18.30 -7.76 1.31
CA LEU B 340 19.36 -8.49 1.99
C LEU B 340 20.39 -7.62 2.67
N MET B 341 20.82 -6.57 2.01
CA MET B 341 21.83 -5.67 2.57
C MET B 341 21.33 -4.58 3.51
N CYS B 342 20.13 -4.06 3.25
CA CYS B 342 19.57 -2.95 4.05
C CYS B 342 18.35 -3.17 4.95
N CYS B 343 17.63 -4.26 4.79
CA CYS B 343 16.42 -4.45 5.57
C CYS B 343 16.44 -5.50 6.66
N GLN B 344 17.60 -6.10 6.91
CA GLN B 344 17.68 -7.13 7.95
C GLN B 344 18.20 -6.59 9.27
N CYS B 345 17.57 -7.01 10.36
CA CYS B 345 18.04 -6.60 11.67
C CYS B 345 19.01 -7.73 12.07
N PRO B 346 20.20 -7.38 12.61
CA PRO B 346 21.21 -8.36 13.03
C PRO B 346 20.67 -9.35 14.05
N ALA B 347 19.79 -8.85 14.93
CA ALA B 347 19.16 -9.66 15.98
C ALA B 347 17.99 -10.51 15.50
N GLY B 348 17.59 -10.33 14.24
CA GLY B 348 16.46 -11.07 13.70
C GLY B 348 15.38 -10.07 13.33
N GLY B 349 14.54 -10.43 12.37
CA GLY B 349 13.50 -9.50 11.96
C GLY B 349 13.97 -8.61 10.84
N LEU B 350 13.02 -8.08 10.07
CA LEU B 350 13.34 -7.20 8.95
C LEU B 350 12.73 -5.82 9.15
N LEU B 351 13.14 -4.88 8.33
CA LEU B 351 12.68 -3.53 8.49
C LEU B 351 12.43 -2.71 7.23
N ASP B 352 11.99 -1.48 7.47
CA ASP B 352 11.67 -0.50 6.44
C ASP B 352 12.95 -0.11 5.70
N LYS B 353 13.90 0.49 6.40
CA LYS B 353 15.15 0.93 5.81
C LYS B 353 16.17 1.08 6.95
N PRO B 354 17.47 1.20 6.62
CA PRO B 354 18.53 1.36 7.63
C PRO B 354 18.19 2.50 8.60
N GLY B 355 18.20 2.20 9.90
CA GLY B 355 17.85 3.21 10.87
C GLY B 355 16.48 2.96 11.48
N LYS B 356 15.64 2.20 10.79
CA LYS B 356 14.30 1.86 11.27
C LYS B 356 14.35 0.58 12.10
N SER B 357 13.45 0.48 13.08
CA SER B 357 13.40 -0.69 13.93
C SER B 357 12.55 -1.80 13.33
N ARG B 358 12.93 -3.04 13.63
CA ARG B 358 12.24 -4.21 13.14
C ARG B 358 10.82 -4.31 13.69
N ASP B 359 9.98 -5.03 12.95
CA ASP B 359 8.62 -5.29 13.39
C ASP B 359 8.08 -6.42 12.53
N PHE B 360 7.08 -7.13 13.03
CA PHE B 360 6.54 -8.27 12.31
C PHE B 360 5.90 -7.97 10.95
N TYR B 361 5.40 -6.75 10.77
CA TYR B 361 4.78 -6.34 9.52
C TYR B 361 5.86 -6.28 8.42
N HIS B 362 6.98 -5.61 8.72
CA HIS B 362 8.06 -5.51 7.74
C HIS B 362 8.75 -6.84 7.56
N THR B 363 8.76 -7.66 8.59
CA THR B 363 9.37 -8.98 8.47
C THR B 363 8.57 -9.78 7.43
N CYS B 364 7.24 -9.75 7.55
CA CYS B 364 6.37 -10.47 6.64
C CYS B 364 6.48 -9.96 5.21
N TYR B 365 6.45 -8.64 5.03
CA TYR B 365 6.47 -8.08 3.69
C TYR B 365 7.81 -8.02 2.97
N CYS B 366 8.91 -7.89 3.73
CA CYS B 366 10.23 -7.92 3.09
C CYS B 366 10.47 -9.35 2.59
N LEU B 367 10.14 -10.35 3.39
CA LEU B 367 10.33 -11.75 2.99
C LEU B 367 9.44 -12.08 1.80
N SER B 368 8.19 -11.63 1.84
CA SER B 368 7.23 -11.87 0.74
C SER B 368 7.79 -11.28 -0.56
N GLY B 369 8.32 -10.06 -0.46
CA GLY B 369 8.90 -9.39 -1.61
C GLY B 369 10.13 -10.13 -2.09
N LEU B 370 10.94 -10.60 -1.15
CA LEU B 370 12.14 -11.33 -1.51
C LEU B 370 11.76 -12.58 -2.32
N SER B 371 10.77 -13.31 -1.82
CA SER B 371 10.30 -14.52 -2.49
C SER B 371 9.81 -14.20 -3.90
N ILE B 372 9.02 -13.13 -4.05
CA ILE B 372 8.53 -12.70 -5.35
C ILE B 372 9.74 -12.45 -6.31
N ALA B 373 10.75 -11.75 -5.82
CA ALA B 373 11.95 -11.42 -6.58
C ALA B 373 12.80 -12.63 -6.99
N GLN B 374 12.75 -13.68 -6.18
CA GLN B 374 13.51 -14.90 -6.42
C GLN B 374 12.78 -15.83 -7.39
N HIS B 375 11.45 -15.84 -7.37
CA HIS B 375 10.71 -16.76 -8.20
C HIS B 375 9.84 -16.20 -9.30
N PHE B 376 10.10 -16.67 -10.52
CA PHE B 376 9.31 -16.29 -11.67
C PHE B 376 8.61 -17.56 -12.16
N GLY B 377 7.32 -17.47 -12.45
CA GLY B 377 6.58 -18.61 -12.93
C GLY B 377 5.51 -18.17 -13.91
N SER B 378 5.34 -18.90 -15.01
CA SER B 378 4.33 -18.57 -16.03
C SER B 378 3.87 -19.87 -16.69
N GLY B 379 3.10 -20.65 -15.96
CA GLY B 379 2.63 -21.92 -16.47
C GLY B 379 3.75 -22.94 -16.36
N ALA B 380 4.18 -23.49 -17.48
CA ALA B 380 5.26 -24.48 -17.49
C ALA B 380 6.62 -23.82 -17.24
N MET B 381 6.77 -22.56 -17.69
CA MET B 381 8.01 -21.80 -17.55
C MET B 381 8.30 -21.47 -16.08
N LEU B 382 9.53 -21.69 -15.66
CA LEU B 382 9.94 -21.38 -14.28
C LEU B 382 11.40 -20.92 -14.28
N HIS B 383 11.68 -19.85 -13.55
CA HIS B 383 13.05 -19.36 -13.47
C HIS B 383 13.34 -18.61 -12.18
N ASP B 384 14.32 -19.13 -11.42
CA ASP B 384 14.71 -18.52 -10.16
C ASP B 384 15.96 -17.66 -10.27
N VAL B 385 16.09 -16.72 -9.35
CA VAL B 385 17.24 -15.83 -9.26
C VAL B 385 17.40 -15.66 -7.75
N VAL B 386 18.39 -16.34 -7.18
CA VAL B 386 18.65 -16.27 -5.75
C VAL B 386 19.98 -15.56 -5.49
N MET B 387 19.92 -14.27 -5.15
CA MET B 387 21.13 -13.50 -4.86
C MET B 387 21.74 -14.02 -3.57
N GLY B 388 23.07 -13.93 -3.47
CA GLY B 388 23.75 -14.40 -2.29
C GLY B 388 23.80 -15.92 -2.18
N VAL B 389 24.06 -16.40 -0.97
CA VAL B 389 24.15 -17.83 -0.73
C VAL B 389 22.85 -18.55 -1.09
N PRO B 390 22.94 -19.70 -1.76
CA PRO B 390 21.76 -20.47 -2.17
C PRO B 390 20.73 -20.81 -1.09
N GLU B 391 21.14 -20.80 0.18
CA GLU B 391 20.23 -21.10 1.28
C GLU B 391 19.24 -19.93 1.49
N ASN B 392 19.50 -18.82 0.80
CA ASN B 392 18.66 -17.63 0.87
C ASN B 392 17.28 -17.84 0.23
N VAL B 393 17.15 -18.87 -0.60
CA VAL B 393 15.88 -19.16 -1.27
C VAL B 393 14.74 -19.42 -0.29
N LEU B 394 13.59 -18.81 -0.58
CA LEU B 394 12.39 -18.95 0.25
C LEU B 394 11.35 -19.73 -0.50
N GLN B 395 10.29 -20.11 0.20
CA GLN B 395 9.17 -20.80 -0.43
C GLN B 395 8.40 -19.74 -1.23
N PRO B 396 7.76 -20.15 -2.34
CA PRO B 396 7.00 -19.20 -3.17
C PRO B 396 5.72 -18.67 -2.48
N THR B 397 5.26 -17.49 -2.89
CA THR B 397 4.06 -16.91 -2.31
C THR B 397 3.10 -16.55 -3.45
N HIS B 398 1.81 -16.75 -3.24
CA HIS B 398 0.79 -16.44 -4.24
C HIS B 398 0.66 -14.92 -4.31
N PRO B 399 0.78 -14.33 -5.52
CA PRO B 399 0.68 -12.87 -5.68
C PRO B 399 -0.64 -12.18 -5.35
N VAL B 400 -1.72 -12.94 -5.26
CA VAL B 400 -3.03 -12.35 -4.92
C VAL B 400 -3.31 -12.38 -3.42
N TYR B 401 -3.07 -13.53 -2.79
CA TYR B 401 -3.33 -13.73 -1.37
C TYR B 401 -2.17 -13.57 -0.41
N ASN B 402 -0.95 -13.67 -0.94
CA ASN B 402 0.27 -13.63 -0.16
C ASN B 402 0.34 -14.71 0.90
N ILE B 403 -0.02 -15.92 0.49
CA ILE B 403 0.09 -17.13 1.31
C ILE B 403 0.60 -18.13 0.28
N GLY B 404 1.10 -19.27 0.77
CA GLY B 404 1.63 -20.27 -0.14
C GLY B 404 0.65 -20.71 -1.21
N PRO B 405 1.08 -20.83 -2.49
CA PRO B 405 0.24 -21.24 -3.60
C PRO B 405 -0.47 -22.58 -3.30
N ASP B 406 0.22 -23.44 -2.58
CA ASP B 406 -0.33 -24.72 -2.19
C ASP B 406 -1.47 -24.54 -1.19
N LYS B 407 -1.34 -23.55 -0.30
CA LYS B 407 -2.36 -23.29 0.72
C LYS B 407 -3.60 -22.74 0.05
N VAL B 408 -3.39 -21.93 -0.98
CA VAL B 408 -4.49 -21.35 -1.73
C VAL B 408 -5.31 -22.47 -2.36
N ILE B 409 -4.63 -23.34 -3.12
CA ILE B 409 -5.27 -24.46 -3.80
C ILE B 409 -5.97 -25.39 -2.82
N GLN B 410 -5.29 -25.72 -1.72
CA GLN B 410 -5.87 -26.60 -0.73
C GLN B 410 -7.16 -26.02 -0.12
N ALA B 411 -7.08 -24.76 0.29
CA ALA B 411 -8.21 -24.08 0.88
C ALA B 411 -9.38 -23.96 -0.09
N THR B 412 -9.14 -23.45 -1.30
CA THR B 412 -10.23 -23.30 -2.26
C THR B 412 -10.91 -24.64 -2.55
N THR B 413 -10.10 -25.67 -2.83
CA THR B 413 -10.63 -27.00 -3.11
C THR B 413 -11.50 -27.47 -1.97
N HIS B 414 -11.02 -27.30 -0.75
CA HIS B 414 -11.79 -27.72 0.39
C HIS B 414 -13.14 -27.01 0.49
N PHE B 415 -13.14 -25.69 0.27
CA PHE B 415 -14.35 -24.92 0.38
C PHE B 415 -15.28 -25.08 -0.79
N LEU B 416 -14.76 -25.54 -1.92
CA LEU B 416 -15.60 -25.77 -3.08
C LEU B 416 -16.47 -27.01 -2.86
N GLN B 417 -16.17 -27.78 -1.82
CA GLN B 417 -16.93 -28.98 -1.49
C GLN B 417 -18.23 -28.58 -0.81
N LYS B 418 -18.24 -27.40 -0.23
CA LYS B 418 -19.39 -26.91 0.48
C LYS B 418 -20.17 -26.00 -0.47
N PRO B 419 -21.49 -25.91 -0.31
CA PRO B 419 -22.23 -25.03 -1.23
C PRO B 419 -22.18 -23.56 -0.77
N VAL B 420 -22.24 -22.64 -1.74
CA VAL B 420 -22.23 -21.21 -1.44
C VAL B 420 -23.44 -20.97 -0.52
N PRO B 421 -23.21 -20.42 0.69
CA PRO B 421 -24.28 -20.15 1.67
C PRO B 421 -25.66 -19.83 1.11
N GLY B 422 -26.64 -20.67 1.46
CA GLY B 422 -28.00 -20.49 0.99
C GLY B 422 -28.29 -21.29 -0.28
N PHE B 423 -27.21 -21.81 -0.87
CA PHE B 423 -27.18 -22.62 -2.10
C PHE B 423 -26.99 -21.78 -3.36
N THR C 6 5.78 6.92 13.68
CA THR C 6 4.34 6.66 13.95
C THR C 6 4.15 5.19 14.37
N LYS C 7 2.95 4.62 14.16
CA LYS C 7 2.66 3.22 14.53
C LYS C 7 2.40 2.38 13.27
N CYS C 8 1.23 1.74 13.13
CA CYS C 8 0.93 0.97 11.91
C CYS C 8 -0.02 1.75 10.99
N VAL C 9 0.48 2.15 9.82
CA VAL C 9 -0.31 2.95 8.88
C VAL C 9 -1.25 2.21 7.91
N ILE C 10 -1.36 0.89 8.00
CA ILE C 10 -2.23 0.19 7.05
C ILE C 10 -3.69 -0.06 7.47
N MET C 11 -4.02 0.20 8.73
CA MET C 11 -5.39 -0.02 9.21
C MET C 11 -5.57 0.66 10.57
ZN ZN D . 6.85 0.02 5.38
C1 FPP E . 0.54 6.39 3.85
O1 FPP E . 1.48 6.20 4.91
C2 FPP E . 0.04 5.07 3.29
C3 FPP E . -1.22 4.61 3.49
C4 FPP E . -2.24 5.34 4.30
C5 FPP E . -1.72 3.31 2.92
C6 FPP E . -1.06 2.06 3.47
C7 FPP E . -1.75 0.82 2.96
C8 FPP E . -1.10 -0.31 2.61
C10 FPP E . 0.39 -0.44 2.69
C9 FPP E . -1.81 -1.53 2.11
C11 FPP E . -2.82 -2.10 3.09
C12 FPP E . -3.41 -3.38 2.60
C13 FPP E . -4.31 -4.11 3.33
C14 FPP E . -4.79 -3.72 4.71
C15 FPP E . -4.89 -5.40 2.83
PA FPP E . 2.87 7.00 4.83
O1A FPP E . 2.73 8.43 4.37
O2A FPP E . 3.47 6.91 6.26
O3A FPP E . 3.83 6.16 3.88
PB FPP E . 4.46 6.51 2.47
O1B FPP E . 5.27 7.77 2.50
O2B FPP E . 3.25 6.59 1.51
O3B FPP E . 5.30 5.26 2.10
C ACY F . 8.45 -7.66 20.65
O ACY F . 8.68 -6.41 20.90
OXT ACY F . 7.63 -8.46 21.25
CH3 ACY F . 9.27 -8.20 19.49
C1 FAR G . 1.75 -1.81 10.23
C2 FAR G . 2.46 -2.28 11.48
C3 FAR G . 3.67 -1.83 11.90
C5 FAR G . 4.30 -2.36 13.13
C6 FAR G . 3.97 -1.50 14.35
C7 FAR G . 4.72 -1.97 15.54
C8 FAR G . 5.72 -1.31 16.12
C9 FAR G . 6.43 -1.84 17.31
C11 FAR G . 7.83 -1.31 17.52
C12 FAR G . 8.57 -2.16 18.49
C13 FAR G . 9.83 -1.94 18.90
C14 FAR G . 10.66 -0.76 18.44
C15 FAR G . 10.52 -2.84 19.89
C4 FAR G . 4.50 -0.80 11.17
C10 FAR G . 6.22 0.02 15.62
#